data_9CM3
#
_entry.id   9CM3
#
_cell.length_a   1.00
_cell.length_b   1.00
_cell.length_c   1.00
_cell.angle_alpha   90.00
_cell.angle_beta   90.00
_cell.angle_gamma   90.00
#
_symmetry.space_group_name_H-M   'P 1'
#
loop_
_entity.id
_entity.type
_entity.pdbx_description
1 polymer 'Guanine nucleotide-binding protein G(q) subunit alpha'
2 polymer 'Guanine nucleotide-binding protein G(I)/G(S)/G(T) subunit beta-1'
3 polymer scFv16
4 polymer 'Free fatty acid receptor 2'
5 polymer 'Guanine nucleotide-binding protein G(I)/G(S)/G(O) subunit gamma-2'
6 non-polymer '(2R,4R)-2-(2-chlorophenyl)-3-[4-(3,5-dimethyl-1,2-oxazol-4-yl)phenyl]carbonyl-1,3-thiazolidine-4-carboxylic acid'
7 non-polymer 4-[(2R,6S)-2,6-dimethylmorpholin-4-yl]-7-(2-fluorobenzene-1-sulfonyl)-2-methyl-5H-pyrrolo[3,2-d]pyrimidin-6-amine
8 non-polymer CHOLESTEROL
9 non-polymer 'PALMITIC ACID'
#
loop_
_entity_poly.entity_id
_entity_poly.type
_entity_poly.pdbx_seq_one_letter_code
_entity_poly.pdbx_strand_id
1 'polypeptide(L)'
;MGSTVSAEDKAAAERSKMIDKNLREDGEKARRTLRLLLLGADNSGKSTIVKQMRILHGGSGGSGGTSGIFETKFQVDKVN
FHMFDVGGQRDERRKWIQCFNDVTAIIFVVDSSDYNRLQEALNDFKSIWNNRWLRTISVILFLNKQDLLAEKVLAGKSKI
EDYFPEFARYTTPEDATPEPGEDPRVTRAKYFIRKEFVDISTASGDGRHICYPHFTCAVDTENARRIFNDCKDIILQMNL
REYNLV
;
A
2 'polypeptide(L)'
;MHHHHHHGSSGSELDQLRQEAEQLKNQIRDARKACADATLSQITNNIDPVGRIQMRTRRTLRGHLAKIYAMHWGTDSRLL
VSASQDGKLIIWDSYTTNKVHAIPLRSSWVMTCAYAPSGNYVACGGLDNICSIYNLKTREGNVRVSRELAGHTGYLSCCR
FLDDNQIVTSSGDTTCALWDIETGQQTTTFTGHTGDVMSLSLAPDTRLFVSGACDASAKLWDVREGMCRQTFTGHESDIN
AICFFPNGNAFATGSDDATCRLFDLRADQELMTYSHDNIICGITSVSFSKSGRLLLAGYDDFNCNVWDALKADRAGVLAG
HDNRVSCLGVTDDGMAVATGSWDSFLKIWNGSSGGGGSGGGGSSGVSGWRLFKKIS
;
B
3 'polypeptide(L)'
;VQLVESGGGLVQPGGSRKLSCSASGFAFSSFGMHWVRQAPEKGLEWVAYISSGSGTIYYADTVKGRFTISRDDPKNTLFL
QMTSLRSEDTAMYYCVRSIYYYGSSPFDFWGQGTTLTVSAGGGGSGGGGSGGGGSADIVMTQATSSVPVTPGESVSISCR
SSKSLLHSNGNTYLYWFLQRPGQSPQLLIYRMSNLASGVPDRFSGSGSGTAFTLTISRLEAEDVGVYYCMQHLEYPLTFG
AGTKLELLEENLYFQGASHHHHHHHH
;
N
4 'polypeptide(L)'
;DYKDDDDGQPGNGSAFLLAPNGSHAPDHNVTQQRDEENLYFQGVDMLPDWKSSLILMAYIIIFLTGLPANLLALRAFVGR
IRQPQPAPVHILLLSLTLADLLLLLLLPFKIIEAASNFRWYLPKVVCALTSFGFYSSIYCSTWLLAGISIERYLGVAFPV
QYKLSRRPLYGVIAALVAWVMSFGHCTIVIIVQYLNTTEQVRSGNEITCYENFTDNQLDVVLPVRLELCLVLFFIPMAVT
IFCYWRFVWIMLSQPLVGAQRRRRAVGLAVVTLLNFLVCFGPYNVSHLVGYHQRKSPWWRSIAVVFSSLNASLDPLLFYF
SSSVVRRAFGRGLQVLRNQGSSLLGRRGKDTAEGTNEDRGVGQGEGMPSSDFTTEAAAVFTLEDFVGDWEQTAAYNLDQV
LEQGGVSSLLQNLAVSVTPIQRIVRSGENALKIDIHVIIPYEGLSADQMAQIEEVFKVVYPVDDHHFKVILPYGTLVIDG
VTPNMLNYFGRPYEGIAVFDGKKITVTGTLWNGNKIIDERLITPDGSMLFRVTINSHHHHHHHH
;
R
5 'polypeptide(L)' MASNNTASIAQARKLVEQLKMEANIDRIKVSKAAADLMAYCEAHAKEDPLLTPVPASENPFREKKFFCAIL G
#
# COMPACT_ATOMS: atom_id res chain seq x y z
N VAL A 5 23.86 -0.30 -11.12
CA VAL A 5 22.74 -0.68 -11.96
C VAL A 5 23.14 -0.57 -13.44
N SER A 6 22.58 -1.46 -14.26
CA SER A 6 22.89 -1.49 -15.68
C SER A 6 22.07 -0.43 -16.41
N ALA A 7 22.21 -0.44 -17.75
CA ALA A 7 21.50 0.53 -18.60
C ALA A 7 20.04 0.13 -18.72
N GLU A 8 19.77 -1.17 -18.67
CA GLU A 8 18.39 -1.68 -18.80
C GLU A 8 17.77 -1.80 -17.40
N ASP A 9 18.56 -1.54 -16.35
CA ASP A 9 18.05 -1.55 -14.96
C ASP A 9 17.82 -0.09 -14.58
N LYS A 10 18.59 0.82 -15.16
CA LYS A 10 18.30 2.24 -14.99
C LYS A 10 17.01 2.63 -15.70
N ALA A 11 16.79 2.11 -16.91
CA ALA A 11 15.55 2.41 -17.62
C ALA A 11 14.34 1.81 -16.89
N ALA A 12 14.50 0.62 -16.32
CA ALA A 12 13.42 0.03 -15.54
C ALA A 12 13.12 0.85 -14.29
N ALA A 13 14.17 1.38 -13.65
CA ALA A 13 13.95 2.26 -12.51
C ALA A 13 13.23 3.53 -12.91
N GLU A 14 13.58 4.08 -14.09
CA GLU A 14 12.87 5.26 -14.58
C GLU A 14 11.40 4.94 -14.84
N ARG A 15 11.12 3.76 -15.43
CA ARG A 15 9.74 3.35 -15.64
C ARG A 15 9.00 3.20 -14.32
N SER A 16 9.66 2.64 -13.31
CA SER A 16 9.04 2.51 -11.99
C SER A 16 8.76 3.88 -11.38
N LYS A 17 9.66 4.84 -11.58
CA LYS A 17 9.42 6.20 -11.09
C LYS A 17 8.22 6.82 -11.78
N MET A 18 8.08 6.60 -13.10
CA MET A 18 6.90 7.09 -13.80
C MET A 18 5.63 6.43 -13.29
N ILE A 19 5.70 5.13 -13.02
CA ILE A 19 4.55 4.40 -12.46
C ILE A 19 4.18 4.98 -11.11
N ASP A 20 5.18 5.27 -10.27
CA ASP A 20 4.92 5.85 -8.96
C ASP A 20 4.32 7.24 -9.08
N LYS A 21 4.78 8.04 -10.06
CA LYS A 21 4.21 9.36 -10.27
C LYS A 21 2.74 9.26 -10.67
N ASN A 22 2.42 8.34 -11.59
CA ASN A 22 1.03 8.16 -11.98
C ASN A 22 0.18 7.68 -10.81
N LEU A 23 0.74 6.80 -9.97
CA LEU A 23 0.02 6.33 -8.79
C LEU A 23 -0.25 7.48 -7.83
N ARG A 24 0.74 8.34 -7.61
CA ARG A 24 0.55 9.49 -6.73
C ARG A 24 -0.50 10.44 -7.28
N GLU A 25 -0.49 10.67 -8.59
CA GLU A 25 -1.51 11.53 -9.20
C GLU A 25 -2.91 10.93 -9.03
N ASP A 26 -3.04 9.62 -9.26
CA ASP A 26 -4.33 8.98 -9.08
C ASP A 26 -4.80 9.04 -7.64
N GLY A 27 -3.88 8.85 -6.69
CA GLY A 27 -4.24 8.94 -5.28
C GLY A 27 -4.67 10.35 -4.89
N GLU A 28 -3.96 11.36 -5.40
CA GLU A 28 -4.36 12.73 -5.13
C GLU A 28 -5.73 13.04 -5.71
N LYS A 29 -6.02 12.53 -6.91
CA LYS A 29 -7.34 12.74 -7.50
C LYS A 29 -8.43 12.01 -6.73
N ALA A 30 -8.16 10.81 -6.24
CA ALA A 30 -9.17 10.02 -5.55
C ALA A 30 -9.31 10.35 -4.07
N ARG A 31 -8.38 11.13 -3.50
CA ARG A 31 -8.49 11.52 -2.10
C ARG A 31 -9.42 12.71 -1.90
N ARG A 32 -9.91 13.33 -2.96
CA ARG A 32 -10.76 14.51 -2.87
C ARG A 32 -12.24 14.17 -2.74
N THR A 33 -12.60 12.89 -2.73
CA THR A 33 -13.99 12.47 -2.61
C THR A 33 -14.20 11.74 -1.29
N LEU A 34 -15.27 12.08 -0.58
CA LEU A 34 -15.61 11.44 0.68
C LEU A 34 -16.44 10.20 0.42
N ARG A 35 -15.99 9.07 0.95
CA ARG A 35 -16.66 7.80 0.76
C ARG A 35 -17.59 7.51 1.94
N LEU A 36 -18.77 7.00 1.63
CA LEU A 36 -19.77 6.62 2.62
C LEU A 36 -20.11 5.14 2.47
N LEU A 37 -21.11 4.68 3.22
CA LEU A 37 -21.55 3.31 3.13
C LEU A 37 -23.03 3.25 3.50
N LEU A 38 -23.87 2.87 2.55
CA LEU A 38 -25.31 2.78 2.76
C LEU A 38 -25.65 1.43 3.38
N LEU A 39 -26.30 1.46 4.54
CA LEU A 39 -26.72 0.25 5.22
C LEU A 39 -28.18 0.38 5.62
N GLY A 40 -28.87 -0.76 5.67
CA GLY A 40 -30.27 -0.76 6.03
C GLY A 40 -30.92 -2.08 5.68
N ALA A 41 -32.24 -2.11 5.81
CA ALA A 41 -33.04 -3.29 5.52
C ALA A 41 -33.77 -3.11 4.19
N ASP A 42 -34.56 -4.11 3.82
CA ASP A 42 -35.31 -4.06 2.57
C ASP A 42 -36.36 -2.96 2.60
N ASN A 43 -37.02 -2.78 3.73
CA ASN A 43 -38.10 -1.79 3.87
C ASN A 43 -37.61 -0.44 4.35
N SER A 44 -36.29 -0.27 4.56
CA SER A 44 -35.78 0.98 5.08
C SER A 44 -36.00 2.13 4.09
N GLY A 45 -35.80 1.88 2.81
CA GLY A 45 -35.88 2.93 1.82
C GLY A 45 -34.55 3.65 1.66
N LYS A 46 -33.46 2.89 1.78
CA LYS A 46 -32.12 3.47 1.69
C LYS A 46 -31.84 4.06 0.32
N SER A 47 -32.42 3.47 -0.74
CA SER A 47 -32.17 3.96 -2.09
C SER A 47 -32.69 5.39 -2.26
N THR A 48 -33.87 5.68 -1.72
CA THR A 48 -34.48 7.00 -1.84
C THR A 48 -34.20 7.84 -0.60
N ILE A 49 -32.91 8.15 -0.40
CA ILE A 49 -32.46 8.99 0.70
C ILE A 49 -31.98 10.35 0.20
N VAL A 50 -30.98 10.36 -0.68
CA VAL A 50 -30.48 11.63 -1.22
C VAL A 50 -31.36 12.15 -2.35
N LYS A 51 -32.07 11.25 -3.03
CA LYS A 51 -33.01 11.71 -4.09
C LYS A 51 -32.31 12.78 -4.92
N GLY A 68 -22.20 -6.19 -7.50
CA GLY A 68 -22.83 -6.15 -6.18
C GLY A 68 -22.86 -4.75 -5.59
N ILE A 69 -21.76 -4.00 -5.76
CA ILE A 69 -21.71 -2.64 -5.25
C ILE A 69 -22.52 -1.72 -6.14
N PHE A 70 -23.41 -0.94 -5.53
CA PHE A 70 -24.21 0.06 -6.25
C PHE A 70 -23.76 1.44 -5.78
N GLU A 71 -22.70 1.96 -6.40
CA GLU A 71 -22.15 3.24 -6.01
C GLU A 71 -23.09 4.38 -6.41
N THR A 72 -23.15 5.40 -5.54
CA THR A 72 -23.95 6.59 -5.79
C THR A 72 -23.09 7.80 -5.51
N LYS A 73 -23.01 8.72 -6.47
CA LYS A 73 -22.20 9.93 -6.35
C LYS A 73 -23.10 11.14 -6.31
N PHE A 74 -22.95 11.95 -5.26
CA PHE A 74 -23.63 13.23 -5.15
C PHE A 74 -22.65 14.26 -4.59
N GLN A 75 -22.88 15.52 -4.94
CA GLN A 75 -21.99 16.60 -4.54
C GLN A 75 -22.80 17.71 -3.88
N VAL A 76 -22.34 18.15 -2.71
CA VAL A 76 -22.95 19.25 -1.98
C VAL A 76 -21.85 20.16 -1.47
N ASP A 77 -22.02 21.47 -1.67
CA ASP A 77 -21.03 22.47 -1.25
C ASP A 77 -19.65 22.18 -1.85
N LYS A 78 -19.63 21.76 -3.10
CA LYS A 78 -18.40 21.49 -3.85
C LYS A 78 -17.55 20.40 -3.19
N VAL A 79 -18.20 19.48 -2.49
CA VAL A 79 -17.54 18.32 -1.89
C VAL A 79 -18.15 17.07 -2.50
N ASN A 80 -17.32 16.23 -3.09
CA ASN A 80 -17.81 15.02 -3.76
C ASN A 80 -18.01 13.91 -2.75
N PHE A 81 -19.19 13.29 -2.79
CA PHE A 81 -19.54 12.18 -1.91
C PHE A 81 -19.74 10.92 -2.74
N HIS A 82 -19.35 9.79 -2.16
CA HIS A 82 -19.45 8.48 -2.81
C HIS A 82 -20.13 7.52 -1.85
N MET A 83 -21.39 7.21 -2.11
CA MET A 83 -22.17 6.30 -1.28
C MET A 83 -22.17 4.91 -1.93
N PHE A 84 -21.71 3.91 -1.18
CA PHE A 84 -21.54 2.56 -1.69
C PHE A 84 -22.61 1.66 -1.10
N ASP A 85 -23.71 1.48 -1.83
CA ASP A 85 -24.75 0.55 -1.43
C ASP A 85 -24.35 -0.84 -1.89
N VAL A 86 -23.96 -1.70 -0.94
CA VAL A 86 -23.47 -3.03 -1.29
C VAL A 86 -24.58 -4.03 -1.28
N GLY A 87 -25.35 -4.05 -2.35
CA GLY A 87 -26.43 -5.01 -2.47
C GLY A 87 -25.88 -6.30 -3.02
N GLY A 88 -26.75 -7.23 -3.41
CA GLY A 88 -26.23 -8.46 -4.02
C GLY A 88 -25.79 -9.46 -2.97
N GLN A 89 -24.57 -9.35 -2.45
CA GLN A 89 -24.16 -10.23 -1.31
C GLN A 89 -25.36 -10.16 -0.38
N ARG A 90 -26.05 -11.28 -0.12
CA ARG A 90 -27.30 -11.23 0.67
C ARG A 90 -27.51 -11.85 2.05
N ASP A 91 -26.61 -11.56 3.01
CA ASP A 91 -26.72 -12.06 4.40
C ASP A 91 -26.26 -11.02 5.42
N GLU A 92 -25.84 -11.47 6.61
CA GLU A 92 -25.29 -10.51 7.61
C GLU A 92 -24.30 -9.65 6.83
N ARG A 93 -24.10 -8.41 7.26
CA ARG A 93 -23.16 -7.48 6.58
C ARG A 93 -21.80 -7.85 7.16
N ARG A 94 -21.39 -9.11 7.04
CA ARG A 94 -20.16 -9.49 7.71
C ARG A 94 -19.18 -10.08 6.70
N LYS A 95 -17.89 -9.95 7.02
CA LYS A 95 -16.73 -10.43 6.29
C LYS A 95 -16.44 -9.60 5.04
N TRP A 96 -17.31 -8.66 4.67
CA TRP A 96 -16.98 -7.66 3.67
C TRP A 96 -17.05 -6.24 4.23
N ILE A 97 -17.48 -6.07 5.49
CA ILE A 97 -17.49 -4.76 6.13
C ILE A 97 -16.10 -4.29 6.50
N GLN A 98 -15.10 -5.17 6.45
CA GLN A 98 -13.73 -4.75 6.73
C GLN A 98 -13.19 -3.82 5.64
N CYS A 99 -13.68 -3.97 4.41
CA CYS A 99 -13.24 -3.07 3.33
C CYS A 99 -13.65 -1.64 3.63
N PHE A 100 -14.85 -1.45 4.16
CA PHE A 100 -15.35 -0.12 4.51
C PHE A 100 -14.90 0.29 5.91
N ASN A 101 -13.59 0.19 6.14
CA ASN A 101 -12.98 0.62 7.38
C ASN A 101 -12.40 2.03 7.28
N ASP A 102 -12.19 2.53 6.07
CA ASP A 102 -11.68 3.88 5.85
C ASP A 102 -12.75 4.85 5.40
N VAL A 103 -14.02 4.44 5.41
CA VAL A 103 -15.09 5.32 4.98
C VAL A 103 -15.26 6.45 6.01
N THR A 104 -15.71 7.61 5.51
CA THR A 104 -15.93 8.74 6.40
C THR A 104 -17.03 8.47 7.40
N ALA A 105 -18.13 7.85 6.96
CA ALA A 105 -19.26 7.58 7.82
C ALA A 105 -20.07 6.43 7.23
N ILE A 106 -21.03 5.96 8.03
CA ILE A 106 -21.93 4.90 7.61
C ILE A 106 -23.36 5.42 7.75
N ILE A 107 -24.09 5.46 6.66
CA ILE A 107 -25.49 5.89 6.70
C ILE A 107 -26.35 4.66 6.94
N PHE A 108 -26.99 4.60 8.11
CA PHE A 108 -27.81 3.45 8.50
C PHE A 108 -29.27 3.88 8.42
N VAL A 109 -29.91 3.61 7.29
CA VAL A 109 -31.31 3.94 7.10
C VAL A 109 -32.17 2.88 7.77
N VAL A 110 -33.10 3.32 8.60
CA VAL A 110 -33.98 2.43 9.34
C VAL A 110 -35.41 2.93 9.23
N ASP A 111 -36.34 2.00 8.99
CA ASP A 111 -37.76 2.32 8.93
C ASP A 111 -38.31 2.37 10.36
N SER A 112 -38.64 3.57 10.82
CA SER A 112 -39.14 3.77 12.17
C SER A 112 -40.66 3.63 12.26
N SER A 113 -41.33 3.31 11.16
CA SER A 113 -42.78 3.17 11.16
C SER A 113 -43.23 1.75 11.43
N ASP A 114 -42.43 0.75 11.05
CA ASP A 114 -42.79 -0.66 11.23
C ASP A 114 -42.23 -1.12 12.57
N TYR A 115 -43.10 -1.24 13.58
CA TYR A 115 -42.65 -1.65 14.91
C TYR A 115 -42.31 -3.13 14.94
N ASN A 116 -42.95 -3.94 14.10
CA ASN A 116 -42.69 -5.37 14.10
C ASN A 116 -41.25 -5.69 13.75
N ARG A 117 -40.71 -5.01 12.74
CA ARG A 117 -39.33 -5.19 12.33
C ARG A 117 -38.38 -4.22 13.01
N LEU A 118 -38.87 -3.41 13.95
CA LEU A 118 -38.02 -2.44 14.61
C LEU A 118 -36.92 -3.12 15.42
N GLN A 119 -37.28 -4.15 16.20
CA GLN A 119 -36.28 -4.82 17.03
C GLN A 119 -35.17 -5.43 16.20
N GLU A 120 -35.50 -5.96 15.01
CA GLU A 120 -34.47 -6.43 14.10
C GLU A 120 -33.54 -5.30 13.70
N ALA A 121 -34.09 -4.10 13.46
CA ALA A 121 -33.26 -2.96 13.10
C ALA A 121 -32.34 -2.55 14.26
N LEU A 122 -32.86 -2.55 15.49
CA LEU A 122 -32.01 -2.24 16.64
C LEU A 122 -30.91 -3.28 16.80
N ASN A 123 -31.22 -4.56 16.58
CA ASN A 123 -30.19 -5.60 16.65
C ASN A 123 -29.14 -5.40 15.57
N ASP A 124 -29.57 -5.04 14.36
CA ASP A 124 -28.61 -4.77 13.28
C ASP A 124 -27.73 -3.59 13.60
N PHE A 125 -28.31 -2.52 14.16
CA PHE A 125 -27.52 -1.36 14.55
C PHE A 125 -26.53 -1.70 15.65
N LYS A 126 -26.95 -2.53 16.60
CA LYS A 126 -26.03 -2.97 17.66
C LYS A 126 -24.89 -3.78 17.07
N SER A 127 -25.19 -4.66 16.12
CA SER A 127 -24.14 -5.46 15.49
C SER A 127 -23.16 -4.59 14.72
N ILE A 128 -23.67 -3.58 14.00
CA ILE A 128 -22.81 -2.71 13.22
C ILE A 128 -21.96 -1.82 14.14
N TRP A 129 -22.57 -1.30 15.21
CA TRP A 129 -21.87 -0.40 16.11
C TRP A 129 -20.71 -1.11 16.82
N ASN A 130 -20.94 -2.35 17.26
CA ASN A 130 -19.96 -3.09 18.04
C ASN A 130 -19.00 -3.89 17.16
N ASN A 131 -18.95 -3.60 15.88
CA ASN A 131 -18.01 -4.28 14.99
C ASN A 131 -16.58 -3.95 15.38
N ARG A 132 -15.69 -4.94 15.27
CA ARG A 132 -14.30 -4.73 15.63
C ARG A 132 -13.61 -3.75 14.68
N TRP A 133 -14.02 -3.74 13.41
CA TRP A 133 -13.40 -2.87 12.42
C TRP A 133 -14.03 -1.49 12.37
N LEU A 134 -15.36 -1.41 12.44
CA LEU A 134 -16.02 -0.12 12.50
C LEU A 134 -16.06 0.41 13.92
N ARG A 135 -14.90 0.42 14.58
CA ARG A 135 -14.76 0.98 15.92
C ARG A 135 -14.39 2.46 15.89
N THR A 136 -14.15 3.01 14.71
CA THR A 136 -13.84 4.42 14.55
C THR A 136 -14.72 5.10 13.51
N ILE A 137 -15.68 4.40 12.93
CA ILE A 137 -16.51 4.91 11.86
C ILE A 137 -17.83 5.37 12.46
N SER A 138 -18.07 6.67 12.44
CA SER A 138 -19.33 7.21 12.93
C SER A 138 -20.48 6.80 12.03
N VAL A 139 -21.65 6.64 12.63
CA VAL A 139 -22.85 6.19 11.92
C VAL A 139 -23.85 7.33 11.86
N ILE A 140 -24.28 7.67 10.65
CA ILE A 140 -25.31 8.69 10.44
C ILE A 140 -26.63 7.95 10.33
N LEU A 141 -27.38 7.92 11.41
CA LEU A 141 -28.63 7.16 11.48
C LEU A 141 -29.79 8.02 10.99
N PHE A 142 -30.54 7.48 10.03
CA PHE A 142 -31.71 8.16 9.47
C PHE A 142 -32.96 7.39 9.86
N LEU A 143 -33.85 8.03 10.61
CA LEU A 143 -35.14 7.44 10.98
C LEU A 143 -36.13 7.69 9.84
N ASN A 144 -36.04 6.84 8.83
CA ASN A 144 -36.84 7.02 7.62
C ASN A 144 -38.32 6.76 7.91
N LYS A 145 -39.15 7.15 6.95
CA LYS A 145 -40.61 6.97 7.02
C LYS A 145 -41.19 7.65 8.26
N GLN A 146 -40.92 8.95 8.35
CA GLN A 146 -41.43 9.72 9.48
C GLN A 146 -42.93 9.97 9.34
N ASP A 147 -43.41 10.24 8.11
CA ASP A 147 -44.84 10.47 7.91
C ASP A 147 -45.65 9.22 8.20
N LEU A 148 -45.16 8.05 7.79
CA LEU A 148 -45.86 6.80 8.07
C LEU A 148 -45.92 6.55 9.58
N LEU A 149 -44.83 6.82 10.29
CA LEU A 149 -44.83 6.66 11.75
C LEU A 149 -45.82 7.62 12.40
N ALA A 150 -45.87 8.87 11.92
CA ALA A 150 -46.82 9.83 12.47
C ALA A 150 -48.25 9.39 12.22
N GLU A 151 -48.54 8.88 11.02
CA GLU A 151 -49.88 8.39 10.72
C GLU A 151 -50.24 7.20 11.60
N LYS A 152 -49.30 6.28 11.81
CA LYS A 152 -49.56 5.12 12.65
C LYS A 152 -49.83 5.55 14.09
N VAL A 153 -49.07 6.52 14.59
CA VAL A 153 -49.30 7.01 15.96
C VAL A 153 -50.65 7.70 16.06
N LEU A 154 -51.01 8.52 15.06
CA LEU A 154 -52.28 9.23 15.10
C LEU A 154 -53.46 8.27 15.02
N ALA A 155 -53.36 7.23 14.20
CA ALA A 155 -54.46 6.29 14.06
C ALA A 155 -54.74 5.56 15.38
N GLY A 156 -53.69 5.13 16.08
CA GLY A 156 -53.85 4.47 17.35
C GLY A 156 -54.11 2.98 17.27
N LYS A 157 -54.28 2.43 16.07
CA LYS A 157 -54.52 0.99 15.94
C LYS A 157 -53.31 0.18 16.41
N SER A 158 -52.11 0.63 16.06
CA SER A 158 -50.87 -0.02 16.45
C SER A 158 -50.21 0.79 17.55
N LYS A 159 -49.92 0.15 18.68
CA LYS A 159 -49.31 0.79 19.83
C LYS A 159 -47.91 0.25 20.04
N ILE A 160 -46.96 1.16 20.27
CA ILE A 160 -45.57 0.75 20.50
C ILE A 160 -45.42 0.02 21.82
N GLU A 161 -46.35 0.20 22.76
CA GLU A 161 -46.27 -0.48 24.04
C GLU A 161 -46.41 -2.00 23.88
N ASP A 162 -47.11 -2.44 22.82
CA ASP A 162 -47.25 -3.87 22.59
C ASP A 162 -45.90 -4.51 22.26
N TYR A 163 -45.09 -3.85 21.44
CA TYR A 163 -43.78 -4.37 21.06
C TYR A 163 -42.68 -3.94 22.03
N PHE A 164 -42.76 -2.72 22.56
CA PHE A 164 -41.77 -2.19 23.49
C PHE A 164 -42.43 -1.92 24.83
N PRO A 165 -42.24 -2.80 25.83
CA PRO A 165 -42.84 -2.55 27.15
C PRO A 165 -42.33 -1.27 27.81
N GLU A 166 -41.10 -0.86 27.51
CA GLU A 166 -40.53 0.33 28.14
C GLU A 166 -41.24 1.61 27.73
N PHE A 167 -41.98 1.60 26.61
CA PHE A 167 -42.67 2.80 26.16
C PHE A 167 -43.82 3.18 27.07
N ALA A 168 -44.35 2.24 27.86
CA ALA A 168 -45.46 2.56 28.74
C ALA A 168 -45.07 3.59 29.79
N ARG A 169 -43.87 3.46 30.36
CA ARG A 169 -43.39 4.37 31.39
C ARG A 169 -42.54 5.50 30.83
N TYR A 170 -42.40 5.59 29.51
CA TYR A 170 -41.58 6.62 28.89
C TYR A 170 -42.41 7.88 28.64
N THR A 171 -41.81 9.03 28.95
CA THR A 171 -42.42 10.33 28.69
C THR A 171 -41.40 11.21 28.00
N THR A 172 -41.90 12.21 27.27
CA THR A 172 -41.03 13.13 26.55
C THR A 172 -40.14 13.89 27.52
N PRO A 173 -38.83 13.86 27.36
CA PRO A 173 -37.95 14.58 28.29
C PRO A 173 -38.13 16.08 28.19
N GLU A 174 -37.90 16.76 29.31
CA GLU A 174 -37.98 18.21 29.33
C GLU A 174 -36.82 18.82 28.56
N ASP A 175 -36.95 20.11 28.25
CA ASP A 175 -35.97 20.84 27.45
C ASP A 175 -35.73 20.17 26.09
N ALA A 176 -36.80 19.64 25.50
CA ALA A 176 -36.73 19.01 24.19
C ALA A 176 -36.80 20.07 23.09
N THR A 177 -36.76 19.61 21.84
CA THR A 177 -36.83 20.50 20.68
C THR A 177 -37.89 19.98 19.71
N PRO A 178 -39.18 20.16 20.06
CA PRO A 178 -40.26 19.77 19.13
C PRO A 178 -40.54 20.88 18.11
N GLU A 179 -39.58 21.08 17.22
CA GLU A 179 -39.69 22.17 16.25
C GLU A 179 -40.89 22.03 15.33
N PRO A 180 -41.18 20.87 14.72
CA PRO A 180 -42.39 20.77 13.90
C PRO A 180 -43.65 20.90 14.74
N GLY A 181 -44.70 21.44 14.12
CA GLY A 181 -45.97 21.57 14.78
C GLY A 181 -46.74 20.27 14.80
N GLU A 182 -46.26 19.31 15.58
CA GLU A 182 -46.84 17.98 15.65
C GLU A 182 -47.41 17.71 17.03
N ASP A 183 -48.23 16.66 17.10
CA ASP A 183 -48.90 16.27 18.37
C ASP A 183 -47.80 15.76 19.29
N PRO A 184 -47.95 15.82 20.64
CA PRO A 184 -46.95 15.28 21.56
C PRO A 184 -46.84 13.77 21.32
N ARG A 185 -47.92 13.08 20.98
CA ARG A 185 -47.76 11.62 20.86
C ARG A 185 -46.73 11.26 19.80
N VAL A 186 -46.79 11.92 18.63
CA VAL A 186 -45.83 11.65 17.57
C VAL A 186 -44.41 12.02 18.02
N THR A 187 -44.28 13.17 18.69
CA THR A 187 -42.98 13.59 19.19
C THR A 187 -42.46 12.59 20.22
N ARG A 188 -43.33 12.11 21.10
CA ARG A 188 -42.93 11.13 22.10
C ARG A 188 -42.45 9.83 21.45
N ALA A 189 -43.17 9.36 20.42
CA ALA A 189 -42.77 8.14 19.74
C ALA A 189 -41.42 8.32 19.04
N LYS A 190 -41.25 9.44 18.35
CA LYS A 190 -39.99 9.71 17.65
C LYS A 190 -38.83 9.79 18.64
N TYR A 191 -39.04 10.48 19.76
CA TYR A 191 -38.01 10.59 20.78
C TYR A 191 -37.71 9.24 21.40
N PHE A 192 -38.72 8.38 21.57
CA PHE A 192 -38.47 7.05 22.12
C PHE A 192 -37.60 6.22 21.19
N ILE A 193 -37.90 6.24 19.89
CA ILE A 193 -37.10 5.48 18.93
C ILE A 193 -35.66 6.03 18.90
N ARG A 194 -35.52 7.35 18.85
CA ARG A 194 -34.20 7.95 18.82
C ARG A 194 -33.44 7.64 20.10
N LYS A 195 -34.12 7.65 21.25
CA LYS A 195 -33.48 7.34 22.51
C LYS A 195 -33.00 5.89 22.55
N GLU A 196 -33.82 4.97 22.02
CA GLU A 196 -33.38 3.58 21.97
C GLU A 196 -32.12 3.43 21.14
N PHE A 197 -32.09 4.06 19.95
CA PHE A 197 -30.91 3.96 19.11
C PHE A 197 -29.70 4.63 19.76
N VAL A 198 -29.90 5.77 20.42
CA VAL A 198 -28.79 6.47 21.04
C VAL A 198 -28.25 5.68 22.23
N ASP A 199 -29.14 5.04 23.01
CA ASP A 199 -28.69 4.20 24.11
C ASP A 199 -27.91 3.00 23.60
N ILE A 200 -28.33 2.43 22.46
CA ILE A 200 -27.53 1.37 21.85
C ILE A 200 -26.16 1.90 21.45
N SER A 201 -26.11 3.10 20.87
CA SER A 201 -24.85 3.64 20.36
C SER A 201 -23.89 3.99 21.49
N THR A 202 -24.40 4.53 22.59
CA THR A 202 -23.56 5.06 23.66
C THR A 202 -23.06 3.99 24.63
N ALA A 203 -23.51 2.74 24.48
CA ALA A 203 -23.05 1.67 25.36
C ALA A 203 -21.63 1.22 25.05
N SER A 204 -21.04 1.68 23.95
CA SER A 204 -19.68 1.31 23.58
C SER A 204 -19.12 2.38 22.67
N GLY A 205 -17.80 2.35 22.50
CA GLY A 205 -17.12 3.32 21.66
C GLY A 205 -16.22 4.26 22.43
N ASP A 206 -16.67 4.65 23.64
CA ASP A 206 -15.92 5.55 24.51
C ASP A 206 -15.62 6.87 23.82
N GLY A 207 -16.54 7.32 22.97
CA GLY A 207 -16.41 8.59 22.30
C GLY A 207 -15.54 8.59 21.06
N ARG A 208 -14.97 7.45 20.69
CA ARG A 208 -14.14 7.41 19.48
C ARG A 208 -14.99 7.65 18.24
N HIS A 209 -16.20 7.09 18.20
CA HIS A 209 -17.16 7.35 17.14
C HIS A 209 -18.53 7.57 17.77
N ILE A 210 -19.32 8.45 17.15
CA ILE A 210 -20.64 8.81 17.68
C ILE A 210 -21.68 8.65 16.58
N CYS A 211 -22.92 8.49 17.00
CA CYS A 211 -24.05 8.29 16.10
C CYS A 211 -24.84 9.59 15.97
N TYR A 212 -25.17 9.96 14.73
CA TYR A 212 -25.92 11.17 14.46
C TYR A 212 -27.33 10.79 14.01
N PRO A 213 -28.34 10.90 14.86
CA PRO A 213 -29.69 10.51 14.45
C PRO A 213 -30.46 11.64 13.78
N HIS A 214 -31.10 11.34 12.66
CA HIS A 214 -31.91 12.29 11.92
C HIS A 214 -33.24 11.65 11.55
N PHE A 215 -34.21 12.49 11.23
CA PHE A 215 -35.55 12.05 10.87
C PHE A 215 -35.82 12.42 9.41
N THR A 216 -36.20 11.43 8.61
CA THR A 216 -36.47 11.61 7.20
C THR A 216 -37.91 11.27 6.88
N CYS A 217 -38.56 12.12 6.08
CA CYS A 217 -39.96 11.96 5.73
C CYS A 217 -40.16 11.29 4.37
N ALA A 218 -39.09 10.73 3.79
CA ALA A 218 -39.06 10.07 2.49
C ALA A 218 -39.27 11.02 1.33
N VAL A 219 -39.54 12.31 1.60
CA VAL A 219 -39.62 13.33 0.58
C VAL A 219 -38.67 14.49 0.85
N ASP A 220 -37.95 14.45 1.98
CA ASP A 220 -37.04 15.54 2.33
C ASP A 220 -35.88 15.61 1.34
N THR A 221 -35.56 16.83 0.92
CA THR A 221 -34.43 17.08 0.04
C THR A 221 -33.19 17.54 0.80
N GLU A 222 -33.25 17.62 2.13
CA GLU A 222 -32.12 18.07 2.93
C GLU A 222 -31.29 16.93 3.50
N ASN A 223 -31.52 15.70 3.03
CA ASN A 223 -30.72 14.57 3.49
C ASN A 223 -29.26 14.74 3.11
N ALA A 224 -29.00 15.26 1.90
CA ALA A 224 -27.62 15.52 1.48
C ALA A 224 -26.97 16.56 2.38
N ARG A 225 -27.71 17.61 2.74
CA ARG A 225 -27.17 18.63 3.64
C ARG A 225 -26.86 18.06 5.01
N ARG A 226 -27.76 17.20 5.53
CA ARG A 226 -27.51 16.58 6.83
C ARG A 226 -26.29 15.68 6.78
N ILE A 227 -26.14 14.90 5.70
CA ILE A 227 -24.97 14.06 5.55
C ILE A 227 -23.70 14.90 5.48
N PHE A 228 -23.76 16.02 4.75
CA PHE A 228 -22.60 16.89 4.66
C PHE A 228 -22.23 17.47 6.01
N ASN A 229 -23.22 17.92 6.78
CA ASN A 229 -22.93 18.48 8.10
C ASN A 229 -22.34 17.44 9.04
N ASP A 230 -22.93 16.24 9.05
CA ASP A 230 -22.40 15.19 9.91
C ASP A 230 -21.00 14.77 9.49
N CYS A 231 -20.74 14.71 8.18
CA CYS A 231 -19.40 14.39 7.71
C CYS A 231 -18.41 15.48 8.05
N LYS A 232 -18.84 16.75 8.02
CA LYS A 232 -17.98 17.84 8.45
C LYS A 232 -17.62 17.69 9.92
N ASP A 233 -18.59 17.35 10.76
CA ASP A 233 -18.30 17.13 12.18
C ASP A 233 -17.36 15.94 12.38
N ILE A 234 -17.59 14.85 11.64
CA ILE A 234 -16.73 13.68 11.76
C ILE A 234 -15.30 14.02 11.35
N ILE A 235 -15.15 14.75 10.24
CA ILE A 235 -13.83 15.13 9.77
C ILE A 235 -13.16 16.09 10.73
N LEU A 236 -13.93 16.98 11.37
CA LEU A 236 -13.37 17.84 12.41
C LEU A 236 -12.85 17.01 13.57
N GLN A 237 -13.58 15.97 13.96
CA GLN A 237 -13.11 15.10 15.03
C GLN A 237 -11.84 14.35 14.62
N MET A 238 -11.77 13.89 13.37
CA MET A 238 -10.56 13.23 12.89
C MET A 238 -9.37 14.19 12.89
N ASN A 239 -9.60 15.44 12.47
CA ASN A 239 -8.53 16.44 12.51
C ASN A 239 -8.08 16.71 13.94
N LEU A 240 -9.04 16.74 14.89
CA LEU A 240 -8.69 16.87 16.30
C LEU A 240 -7.81 15.72 16.75
N ARG A 241 -8.17 14.49 16.37
CA ARG A 241 -7.37 13.33 16.75
C ARG A 241 -5.99 13.38 16.10
N GLU A 242 -5.88 13.98 14.92
CA GLU A 242 -4.58 14.08 14.25
C GLU A 242 -3.64 15.06 14.94
N TYR A 243 -4.16 15.97 15.74
CA TYR A 243 -3.36 16.96 16.44
C TYR A 243 -2.97 16.52 17.84
N ASN A 244 -3.32 15.29 18.21
CA ASN A 244 -3.09 14.83 19.60
C ASN A 244 -3.78 15.84 20.52
N LEU A 245 -4.82 16.51 20.03
CA LEU A 245 -5.60 17.44 20.90
C LEU A 245 -6.78 16.66 21.49
N VAL A 246 -7.03 15.45 21.00
CA VAL A 246 -8.17 14.61 21.50
C VAL A 246 -7.74 13.14 21.49
N GLU B 13 -39.66 -38.97 6.89
CA GLU B 13 -38.73 -38.61 5.79
C GLU B 13 -37.70 -37.62 6.31
N LEU B 14 -38.08 -36.34 6.44
CA LEU B 14 -37.13 -35.29 6.89
C LEU B 14 -36.51 -35.70 8.22
N ASP B 15 -37.34 -36.19 9.16
CA ASP B 15 -36.84 -36.56 10.51
C ASP B 15 -35.79 -37.65 10.38
N GLN B 16 -36.10 -38.71 9.61
CA GLN B 16 -35.16 -39.84 9.44
C GLN B 16 -33.86 -39.34 8.82
N LEU B 17 -33.96 -38.47 7.82
CA LEU B 17 -32.76 -37.95 7.11
C LEU B 17 -31.91 -37.13 8.10
N ARG B 18 -32.53 -36.26 8.88
CA ARG B 18 -31.79 -35.46 9.89
C ARG B 18 -31.08 -36.40 10.86
N GLN B 19 -31.71 -37.53 11.21
CA GLN B 19 -31.09 -38.51 12.15
C GLN B 19 -29.97 -39.25 11.41
N GLU B 20 -30.30 -39.94 10.31
CA GLU B 20 -29.26 -40.61 9.53
C GLU B 20 -28.02 -39.74 9.40
N ALA B 21 -28.20 -38.43 9.19
CA ALA B 21 -27.06 -37.54 9.12
C ALA B 21 -26.29 -37.51 10.45
N GLU B 22 -27.02 -37.47 11.57
CA GLU B 22 -26.38 -37.47 12.87
C GLU B 22 -25.62 -38.77 13.12
N GLN B 23 -26.20 -39.91 12.73
CA GLN B 23 -25.51 -41.18 12.93
C GLN B 23 -24.30 -41.30 12.01
N LEU B 24 -24.37 -40.74 10.80
CA LEU B 24 -23.20 -40.72 9.93
C LEU B 24 -22.09 -39.85 10.50
N LYS B 25 -22.45 -38.70 11.08
CA LYS B 25 -21.45 -37.87 11.74
C LYS B 25 -20.83 -38.59 12.93
N ASN B 26 -21.64 -39.31 13.70
CA ASN B 26 -21.12 -40.09 14.82
C ASN B 26 -20.17 -41.18 14.33
N GLN B 27 -20.52 -41.84 13.23
CA GLN B 27 -19.64 -42.87 12.66
C GLN B 27 -18.32 -42.26 12.21
N ILE B 28 -18.36 -41.09 11.57
CA ILE B 28 -17.14 -40.42 11.15
C ILE B 28 -16.28 -40.06 12.36
N ARG B 29 -16.91 -39.54 13.42
CA ARG B 29 -16.17 -39.20 14.63
C ARG B 29 -15.54 -40.44 15.26
N ASP B 30 -16.27 -41.56 15.30
CA ASP B 30 -15.73 -42.78 15.86
C ASP B 30 -14.56 -43.31 15.03
N ALA B 31 -14.67 -43.23 13.70
CA ALA B 31 -13.57 -43.66 12.85
C ALA B 31 -12.34 -42.77 13.06
N ARG B 32 -12.54 -41.47 13.17
CA ARG B 32 -11.41 -40.56 13.42
C ARG B 32 -10.76 -40.85 14.77
N LYS B 33 -11.57 -41.12 15.80
CA LYS B 33 -11.03 -41.45 17.10
C LYS B 33 -10.26 -42.77 17.05
N ALA B 34 -10.78 -43.76 16.33
CA ALA B 34 -10.08 -45.04 16.22
C ALA B 34 -8.75 -44.88 15.49
N CYS B 35 -8.69 -44.07 14.45
CA CYS B 35 -7.46 -43.92 13.70
C CYS B 35 -6.41 -43.07 14.43
N ALA B 36 -6.82 -42.38 15.49
CA ALA B 36 -5.90 -41.52 16.22
C ALA B 36 -5.11 -42.32 17.23
N ASP B 37 -4.22 -43.17 16.76
CA ASP B 37 -3.42 -43.98 17.66
C ASP B 37 -2.56 -43.09 18.54
N ALA B 38 -1.97 -42.07 17.95
CA ALA B 38 -1.20 -41.12 18.74
C ALA B 38 -1.47 -39.72 18.28
N THR B 39 -0.62 -38.80 18.68
CA THR B 39 -0.74 -37.41 18.25
C THR B 39 0.59 -36.93 17.71
N LEU B 40 0.52 -35.91 16.85
CA LEU B 40 1.73 -35.35 16.25
C LEU B 40 2.62 -34.68 17.28
N SER B 41 2.02 -34.04 18.29
CA SER B 41 2.81 -33.33 19.30
C SER B 41 3.69 -34.28 20.10
N GLN B 42 3.14 -35.42 20.52
CA GLN B 42 3.93 -36.36 21.31
C GLN B 42 4.91 -37.15 20.45
N ILE B 43 4.60 -37.35 19.16
CA ILE B 43 5.53 -38.05 18.29
C ILE B 43 6.74 -37.18 17.99
N THR B 44 6.53 -35.91 17.70
CA THR B 44 7.62 -34.98 17.38
C THR B 44 8.05 -34.21 18.62
N ASN B 45 8.65 -34.93 19.57
CA ASN B 45 9.16 -34.28 20.80
C ASN B 45 10.69 -34.47 20.86
N ASN B 46 11.21 -35.54 20.26
CA ASN B 46 12.66 -35.79 20.32
C ASN B 46 13.44 -34.97 19.31
N ILE B 47 12.77 -34.32 18.36
CA ILE B 47 13.48 -33.53 17.36
C ILE B 47 13.97 -32.22 17.99
N ASP B 48 15.13 -31.77 17.54
CA ASP B 48 15.68 -30.53 18.05
C ASP B 48 14.82 -29.34 17.63
N PRO B 49 14.54 -28.41 18.52
CA PRO B 49 13.77 -27.23 18.15
C PRO B 49 14.50 -26.40 17.10
N VAL B 50 13.72 -25.72 16.25
CA VAL B 50 14.30 -24.92 15.19
C VAL B 50 15.07 -23.73 15.77
N GLY B 51 14.76 -23.34 17.00
CA GLY B 51 15.43 -22.22 17.63
C GLY B 51 14.63 -20.94 17.57
N ARG B 52 15.31 -19.82 17.36
CA ARG B 52 14.67 -18.51 17.22
C ARG B 52 14.90 -18.02 15.80
N ILE B 53 13.83 -17.89 15.03
CA ILE B 53 13.91 -17.45 13.64
C ILE B 53 13.99 -15.93 13.63
N GLN B 54 15.16 -15.42 13.25
CA GLN B 54 15.37 -13.96 13.17
C GLN B 54 15.22 -13.54 11.72
N MET B 55 14.31 -12.62 11.44
CA MET B 55 14.02 -12.16 10.09
C MET B 55 14.04 -10.64 10.06
N ARG B 56 14.66 -10.11 9.03
CA ARG B 56 14.79 -8.64 8.91
C ARG B 56 14.15 -8.18 7.61
N THR B 57 13.56 -7.00 7.62
CA THR B 57 12.88 -6.45 6.45
C THR B 57 13.92 -6.09 5.40
N ARG B 58 14.10 -6.97 4.41
CA ARG B 58 15.06 -6.70 3.35
C ARG B 58 14.59 -5.55 2.47
N ARG B 59 13.34 -5.60 2.03
CA ARG B 59 12.76 -4.56 1.18
C ARG B 59 11.41 -4.14 1.74
N THR B 60 11.06 -2.88 1.49
CA THR B 60 9.74 -2.34 1.84
C THR B 60 9.12 -1.80 0.56
N LEU B 61 8.30 -2.62 -0.07
CA LEU B 61 7.68 -2.27 -1.35
C LEU B 61 6.54 -1.29 -1.07
N ARG B 62 6.88 -0.01 -0.96
CA ARG B 62 5.91 1.04 -0.73
C ARG B 62 5.49 1.67 -2.06
N GLY B 63 4.29 2.24 -2.06
CA GLY B 63 3.72 2.81 -3.26
C GLY B 63 2.22 2.63 -3.33
N HIS B 64 1.69 1.67 -2.57
CA HIS B 64 0.26 1.55 -2.42
C HIS B 64 -0.29 2.67 -1.55
N LEU B 65 -1.50 3.13 -1.87
CA LEU B 65 -2.11 4.24 -1.16
C LEU B 65 -3.31 3.82 -0.32
N ALA B 66 -3.51 2.52 -0.12
CA ALA B 66 -4.63 2.02 0.66
C ALA B 66 -4.30 0.65 1.21
N LYS B 67 -5.23 0.09 1.97
CA LYS B 67 -4.98 -1.15 2.70
C LYS B 67 -4.93 -2.34 1.75
N ILE B 68 -3.91 -3.18 1.92
CA ILE B 68 -3.72 -4.34 1.07
C ILE B 68 -4.47 -5.54 1.64
N TYR B 69 -5.15 -6.30 0.78
CA TYR B 69 -5.77 -7.55 1.18
C TYR B 69 -5.19 -8.77 0.50
N ALA B 70 -4.35 -8.62 -0.51
CA ALA B 70 -3.88 -9.78 -1.22
C ALA B 70 -2.51 -9.59 -1.85
N MET B 71 -1.76 -10.68 -1.98
CA MET B 71 -0.53 -10.69 -2.75
C MET B 71 -0.28 -12.12 -3.21
N HIS B 72 0.53 -12.26 -4.25
CA HIS B 72 0.88 -13.57 -4.77
C HIS B 72 2.24 -13.50 -5.43
N TRP B 73 3.09 -14.47 -5.13
CA TRP B 73 4.42 -14.54 -5.72
C TRP B 73 4.37 -15.19 -7.08
N GLY B 74 5.22 -14.72 -7.99
CA GLY B 74 5.38 -15.39 -9.26
C GLY B 74 6.15 -16.69 -9.12
N THR B 75 6.07 -17.52 -10.16
CA THR B 75 6.78 -18.80 -10.14
C THR B 75 8.29 -18.57 -10.16
N ASP B 76 8.75 -17.48 -10.76
CA ASP B 76 10.17 -17.14 -10.75
C ASP B 76 10.65 -16.70 -9.38
N SER B 77 9.74 -16.49 -8.42
CA SER B 77 10.03 -16.06 -7.06
C SER B 77 10.62 -14.66 -6.98
N ARG B 78 10.50 -13.87 -8.04
CA ARG B 78 11.00 -12.51 -8.07
C ARG B 78 9.90 -11.48 -8.22
N LEU B 79 8.89 -11.77 -9.03
CA LEU B 79 7.77 -10.87 -9.26
C LEU B 79 6.60 -11.24 -8.36
N LEU B 80 5.99 -10.22 -7.75
CA LEU B 80 4.81 -10.43 -6.93
C LEU B 80 3.77 -9.38 -7.27
N VAL B 81 2.50 -9.75 -7.18
CA VAL B 81 1.38 -8.88 -7.51
C VAL B 81 0.61 -8.57 -6.22
N SER B 82 0.26 -7.30 -6.03
CA SER B 82 -0.44 -6.87 -4.84
C SER B 82 -1.71 -6.11 -5.22
N ALA B 83 -2.73 -6.25 -4.39
CA ALA B 83 -4.03 -5.62 -4.61
C ALA B 83 -4.42 -4.78 -3.41
N SER B 84 -5.03 -3.64 -3.66
CA SER B 84 -5.40 -2.72 -2.59
C SER B 84 -6.61 -1.89 -3.02
N GLN B 85 -7.22 -1.23 -2.02
CA GLN B 85 -8.35 -0.34 -2.27
C GLN B 85 -7.97 0.92 -3.03
N ASP B 86 -6.68 1.18 -3.21
CA ASP B 86 -6.26 2.31 -4.03
C ASP B 86 -6.79 2.18 -5.45
N GLY B 87 -7.07 0.95 -5.90
CA GLY B 87 -7.56 0.71 -7.24
C GLY B 87 -6.52 0.18 -8.20
N LYS B 88 -5.35 -0.20 -7.72
CA LYS B 88 -4.24 -0.62 -8.56
C LYS B 88 -3.83 -2.03 -8.21
N LEU B 89 -3.25 -2.71 -9.20
CA LEU B 89 -2.75 -4.08 -9.06
C LEU B 89 -1.29 -4.05 -9.51
N ILE B 90 -0.39 -3.73 -8.59
CA ILE B 90 1.00 -3.51 -8.93
C ILE B 90 1.72 -4.84 -9.03
N ILE B 91 2.57 -4.98 -10.06
CA ILE B 91 3.42 -6.16 -10.22
C ILE B 91 4.82 -5.80 -9.77
N TRP B 92 5.14 -6.05 -8.51
CA TRP B 92 6.40 -5.61 -7.94
C TRP B 92 7.56 -6.45 -8.46
N ASP B 93 8.75 -5.85 -8.44
CA ASP B 93 10.01 -6.56 -8.65
C ASP B 93 10.70 -6.59 -7.29
N SER B 94 10.58 -7.72 -6.60
CA SER B 94 11.00 -7.79 -5.20
C SER B 94 12.51 -7.60 -5.03
N TYR B 95 13.31 -8.02 -6.02
CA TYR B 95 14.75 -7.92 -5.89
C TYR B 95 15.21 -6.47 -5.84
N THR B 96 14.64 -5.62 -6.68
CA THR B 96 15.07 -4.23 -6.78
C THR B 96 14.02 -3.22 -6.34
N THR B 97 12.86 -3.67 -5.86
CA THR B 97 11.75 -2.80 -5.45
C THR B 97 11.37 -1.89 -6.61
N ASN B 98 10.85 -2.53 -7.65
CA ASN B 98 10.47 -1.86 -8.89
C ASN B 98 9.04 -2.24 -9.25
N LYS B 99 8.26 -1.27 -9.71
CA LYS B 99 6.88 -1.51 -10.13
C LYS B 99 6.91 -1.84 -11.63
N VAL B 100 6.88 -3.13 -11.95
CA VAL B 100 6.87 -3.55 -13.35
C VAL B 100 5.59 -3.09 -14.04
N HIS B 101 4.45 -3.25 -13.37
CA HIS B 101 3.17 -2.85 -13.94
C HIS B 101 2.31 -2.24 -12.83
N ALA B 102 1.32 -1.45 -13.24
CA ALA B 102 0.33 -0.89 -12.33
C ALA B 102 -1.01 -0.94 -13.05
N ILE B 103 -1.79 -1.98 -12.77
CA ILE B 103 -3.03 -2.26 -13.49
C ILE B 103 -4.17 -1.54 -12.76
N PRO B 104 -4.85 -0.59 -13.39
CA PRO B 104 -5.99 0.09 -12.74
C PRO B 104 -7.24 -0.77 -12.87
N LEU B 105 -7.78 -1.20 -11.73
CA LEU B 105 -8.96 -2.04 -11.73
C LEU B 105 -10.23 -1.19 -11.81
N ARG B 106 -11.26 -1.76 -12.43
CA ARG B 106 -12.54 -1.06 -12.54
C ARG B 106 -13.17 -0.85 -11.16
N SER B 107 -13.09 -1.86 -10.30
CA SER B 107 -13.65 -1.80 -8.95
C SER B 107 -12.51 -1.79 -7.94
N SER B 108 -12.51 -0.78 -7.07
CA SER B 108 -11.48 -0.68 -6.04
C SER B 108 -11.74 -1.62 -4.87
N TRP B 109 -12.89 -2.30 -4.84
CA TRP B 109 -13.24 -3.22 -3.76
C TRP B 109 -12.68 -4.61 -4.05
N VAL B 110 -11.35 -4.69 -4.08
CA VAL B 110 -10.64 -5.91 -4.43
C VAL B 110 -10.06 -6.53 -3.17
N MET B 111 -10.35 -7.81 -2.94
CA MET B 111 -9.85 -8.53 -1.78
C MET B 111 -8.97 -9.71 -2.15
N THR B 112 -8.74 -9.96 -3.44
CA THR B 112 -7.97 -11.11 -3.85
C THR B 112 -7.17 -10.76 -5.10
N CYS B 113 -6.08 -11.50 -5.29
CA CYS B 113 -5.26 -11.37 -6.50
C CYS B 113 -4.50 -12.66 -6.68
N ALA B 114 -4.06 -12.90 -7.92
CA ALA B 114 -3.36 -14.13 -8.24
C ALA B 114 -2.34 -13.86 -9.34
N TYR B 115 -1.35 -14.75 -9.42
CA TYR B 115 -0.33 -14.70 -10.46
C TYR B 115 -0.28 -16.07 -11.12
N ALA B 116 -0.41 -16.10 -12.44
CA ALA B 116 -0.44 -17.36 -13.15
C ALA B 116 0.91 -18.07 -13.03
N PRO B 117 0.91 -19.40 -13.03
CA PRO B 117 2.19 -20.13 -12.97
C PRO B 117 3.11 -19.80 -14.11
N SER B 118 2.57 -19.57 -15.31
CA SER B 118 3.39 -19.15 -16.44
C SER B 118 3.83 -17.71 -16.34
N GLY B 119 3.13 -16.89 -15.55
CA GLY B 119 3.45 -15.49 -15.40
C GLY B 119 2.81 -14.58 -16.43
N ASN B 120 2.09 -15.13 -17.41
CA ASN B 120 1.48 -14.32 -18.45
C ASN B 120 0.24 -13.57 -17.97
N TYR B 121 -0.51 -14.14 -17.02
CA TYR B 121 -1.77 -13.60 -16.60
C TYR B 121 -1.78 -13.32 -15.10
N VAL B 122 -2.62 -12.37 -14.70
CA VAL B 122 -2.95 -12.14 -13.29
C VAL B 122 -4.46 -12.03 -13.18
N ALA B 123 -4.96 -12.18 -11.96
CA ALA B 123 -6.39 -12.13 -11.72
C ALA B 123 -6.67 -11.27 -10.50
N CYS B 124 -7.88 -10.72 -10.45
CA CYS B 124 -8.31 -9.94 -9.30
C CYS B 124 -9.82 -10.06 -9.18
N GLY B 125 -10.31 -9.82 -7.96
CA GLY B 125 -11.73 -9.91 -7.70
C GLY B 125 -12.05 -9.33 -6.35
N GLY B 126 -13.35 -9.21 -6.08
CA GLY B 126 -13.78 -8.66 -4.82
C GLY B 126 -15.28 -8.49 -4.70
N LEU B 127 -15.71 -7.32 -4.21
CA LEU B 127 -17.13 -7.07 -3.99
C LEU B 127 -17.91 -6.92 -5.29
N ASP B 128 -17.23 -6.84 -6.43
CA ASP B 128 -17.90 -6.78 -7.72
C ASP B 128 -18.35 -8.15 -8.22
N ASN B 129 -18.00 -9.22 -7.51
CA ASN B 129 -18.41 -10.59 -7.86
C ASN B 129 -17.93 -10.99 -9.25
N ILE B 130 -16.81 -10.42 -9.71
CA ILE B 130 -16.28 -10.68 -11.03
C ILE B 130 -14.78 -10.91 -10.91
N CYS B 131 -14.30 -11.98 -11.54
CA CYS B 131 -12.87 -12.27 -11.62
C CYS B 131 -12.34 -11.72 -12.93
N SER B 132 -11.47 -10.71 -12.85
CA SER B 132 -10.90 -10.07 -14.02
C SER B 132 -9.51 -10.63 -14.27
N ILE B 133 -9.33 -11.22 -15.46
CA ILE B 133 -8.05 -11.80 -15.85
C ILE B 133 -7.34 -10.80 -16.76
N TYR B 134 -6.13 -10.42 -16.38
CA TYR B 134 -5.35 -9.43 -17.11
C TYR B 134 -4.20 -10.11 -17.84
N ASN B 135 -3.96 -9.68 -19.08
CA ASN B 135 -2.91 -10.24 -19.92
C ASN B 135 -1.67 -9.35 -19.80
N LEU B 136 -0.65 -9.85 -19.10
CA LEU B 136 0.55 -9.05 -18.91
C LEU B 136 1.39 -9.00 -20.18
N LYS B 137 1.51 -10.11 -20.89
CA LYS B 137 2.36 -10.22 -22.08
C LYS B 137 1.50 -9.96 -23.31
N THR B 138 1.39 -8.68 -23.67
CA THR B 138 0.65 -8.25 -24.85
C THR B 138 1.59 -7.54 -25.81
N ARG B 139 1.31 -7.69 -27.11
CA ARG B 139 2.12 -7.02 -28.12
C ARG B 139 1.93 -5.51 -28.10
N GLU B 140 0.81 -5.02 -27.56
CA GLU B 140 0.57 -3.59 -27.46
C GLU B 140 1.38 -2.92 -26.35
N GLY B 141 2.02 -3.70 -25.48
CA GLY B 141 2.82 -3.15 -24.41
C GLY B 141 2.07 -2.69 -23.19
N ASN B 142 0.75 -2.87 -23.14
CA ASN B 142 -0.06 -2.51 -22.01
C ASN B 142 -0.72 -3.75 -21.42
N VAL B 143 -1.26 -3.58 -20.22
CA VAL B 143 -1.97 -4.66 -19.53
C VAL B 143 -3.47 -4.43 -19.70
N ARG B 144 -4.13 -5.35 -20.40
CA ARG B 144 -5.56 -5.25 -20.66
C ARG B 144 -6.25 -6.49 -20.14
N VAL B 145 -7.49 -6.31 -19.67
CA VAL B 145 -8.25 -7.43 -19.12
C VAL B 145 -8.67 -8.37 -20.25
N SER B 146 -8.15 -9.59 -20.23
CA SER B 146 -8.47 -10.55 -21.28
C SER B 146 -9.85 -11.17 -21.10
N ARG B 147 -10.29 -11.38 -19.86
CA ARG B 147 -11.57 -12.03 -19.61
C ARG B 147 -12.08 -11.60 -18.24
N GLU B 148 -13.39 -11.32 -18.17
CA GLU B 148 -14.07 -11.03 -16.92
C GLU B 148 -15.00 -12.19 -16.62
N LEU B 149 -14.71 -12.93 -15.55
CA LEU B 149 -15.44 -14.15 -15.22
C LEU B 149 -16.58 -13.80 -14.28
N ALA B 150 -17.78 -13.64 -14.82
CA ALA B 150 -18.97 -13.36 -14.04
C ALA B 150 -19.81 -14.62 -13.91
N GLY B 151 -20.60 -14.67 -12.83
CA GLY B 151 -21.43 -15.84 -12.58
C GLY B 151 -21.52 -16.19 -11.11
N HIS B 152 -20.82 -15.43 -10.27
CA HIS B 152 -20.86 -15.63 -8.83
C HIS B 152 -21.79 -14.59 -8.19
N THR B 153 -22.64 -15.06 -7.29
CA THR B 153 -23.62 -14.20 -6.63
C THR B 153 -23.10 -13.58 -5.34
N GLY B 154 -21.84 -13.81 -5.00
CA GLY B 154 -21.25 -13.22 -3.81
C GLY B 154 -19.86 -12.68 -4.10
N TYR B 155 -19.35 -11.92 -3.15
CA TYR B 155 -18.03 -11.31 -3.29
C TYR B 155 -16.96 -12.39 -3.40
N LEU B 156 -16.04 -12.19 -4.34
CA LEU B 156 -14.93 -13.14 -4.51
C LEU B 156 -13.92 -12.93 -3.40
N SER B 157 -13.52 -14.02 -2.75
CA SER B 157 -12.57 -13.96 -1.65
C SER B 157 -11.20 -14.51 -1.99
N CYS B 158 -11.10 -15.44 -2.93
CA CYS B 158 -9.82 -16.00 -3.32
C CYS B 158 -9.93 -16.58 -4.72
N CYS B 159 -8.88 -16.39 -5.51
CA CYS B 159 -8.80 -16.93 -6.86
C CYS B 159 -7.40 -17.48 -7.08
N ARG B 160 -7.31 -18.69 -7.64
CA ARG B 160 -6.04 -19.34 -7.87
C ARG B 160 -6.01 -19.92 -9.28
N PHE B 161 -4.84 -19.85 -9.91
CA PHE B 161 -4.67 -20.34 -11.27
C PHE B 161 -4.24 -21.80 -11.26
N LEU B 162 -4.93 -22.62 -12.06
CA LEU B 162 -4.44 -23.97 -12.31
C LEU B 162 -3.42 -23.96 -13.44
N ASP B 163 -3.76 -23.33 -14.56
CA ASP B 163 -2.83 -23.12 -15.67
C ASP B 163 -3.26 -21.82 -16.36
N ASP B 164 -2.78 -21.62 -17.59
CA ASP B 164 -3.12 -20.42 -18.34
C ASP B 164 -4.59 -20.38 -18.76
N ASN B 165 -5.30 -21.52 -18.69
CA ASN B 165 -6.67 -21.59 -19.17
C ASN B 165 -7.70 -21.83 -18.08
N GLN B 166 -7.29 -22.32 -16.91
CA GLN B 166 -8.21 -22.66 -15.84
C GLN B 166 -7.87 -21.88 -14.58
N ILE B 167 -8.89 -21.43 -13.87
CA ILE B 167 -8.74 -20.69 -12.62
C ILE B 167 -9.89 -21.06 -11.70
N VAL B 168 -9.58 -21.35 -10.44
CA VAL B 168 -10.59 -21.69 -9.44
C VAL B 168 -10.78 -20.49 -8.51
N THR B 169 -12.04 -20.10 -8.32
CA THR B 169 -12.38 -18.94 -7.50
C THR B 169 -13.35 -19.34 -6.41
N SER B 170 -13.22 -18.70 -5.25
CA SER B 170 -14.12 -18.90 -4.12
C SER B 170 -14.79 -17.59 -3.79
N SER B 171 -16.10 -17.64 -3.54
CA SER B 171 -16.89 -16.44 -3.32
C SER B 171 -17.67 -16.56 -2.02
N GLY B 172 -18.22 -15.43 -1.58
CA GLY B 172 -18.99 -15.38 -0.37
C GLY B 172 -20.42 -15.88 -0.53
N ASP B 173 -20.67 -16.60 -1.62
CA ASP B 173 -21.98 -17.22 -1.85
C ASP B 173 -21.97 -18.70 -1.49
N THR B 174 -21.06 -19.12 -0.62
CA THR B 174 -20.94 -20.49 -0.13
C THR B 174 -20.62 -21.49 -1.25
N THR B 175 -20.08 -21.02 -2.37
CA THR B 175 -19.72 -21.88 -3.48
C THR B 175 -18.35 -21.53 -4.01
N CYS B 176 -17.66 -22.54 -4.53
CA CYS B 176 -16.42 -22.37 -5.28
C CYS B 176 -16.63 -22.85 -6.70
N ALA B 177 -15.93 -22.24 -7.65
CA ALA B 177 -16.15 -22.53 -9.05
C ALA B 177 -14.82 -22.71 -9.76
N LEU B 178 -14.81 -23.58 -10.76
CA LEU B 178 -13.67 -23.76 -11.66
C LEU B 178 -14.03 -23.16 -13.01
N TRP B 179 -13.21 -22.23 -13.49
CA TRP B 179 -13.53 -21.44 -14.66
C TRP B 179 -12.70 -21.87 -15.86
N ASP B 180 -13.20 -21.53 -17.04
CA ASP B 180 -12.48 -21.70 -18.30
C ASP B 180 -12.28 -20.31 -18.88
N ILE B 181 -11.05 -19.82 -18.83
CA ILE B 181 -10.76 -18.44 -19.21
C ILE B 181 -11.06 -18.22 -20.70
N GLU B 182 -10.73 -19.21 -21.53
CA GLU B 182 -11.00 -19.08 -22.96
C GLU B 182 -12.49 -18.94 -23.25
N THR B 183 -13.32 -19.73 -22.57
CA THR B 183 -14.76 -19.69 -22.77
C THR B 183 -15.43 -18.63 -21.91
N GLY B 184 -15.08 -18.57 -20.62
CA GLY B 184 -15.67 -17.64 -19.69
C GLY B 184 -16.78 -18.17 -18.83
N GLN B 185 -17.05 -19.48 -18.88
CA GLN B 185 -18.11 -20.10 -18.11
C GLN B 185 -17.52 -21.08 -17.10
N GLN B 186 -18.27 -21.32 -16.03
CA GLN B 186 -17.84 -22.22 -14.96
C GLN B 186 -17.78 -23.65 -15.49
N THR B 187 -16.58 -24.20 -15.62
CA THR B 187 -16.45 -25.60 -16.00
C THR B 187 -17.05 -26.51 -14.94
N THR B 188 -16.79 -26.22 -13.67
CA THR B 188 -17.31 -27.00 -12.57
C THR B 188 -17.59 -26.07 -11.38
N THR B 189 -18.64 -26.39 -10.64
CA THR B 189 -18.98 -25.66 -9.43
C THR B 189 -18.84 -26.57 -8.22
N PHE B 190 -18.57 -25.97 -7.07
CA PHE B 190 -18.31 -26.72 -5.83
C PHE B 190 -19.27 -26.20 -4.76
N THR B 191 -20.29 -27.00 -4.48
CA THR B 191 -21.28 -26.67 -3.46
C THR B 191 -21.15 -27.58 -2.26
N GLY B 192 -21.63 -27.10 -1.11
CA GLY B 192 -21.55 -27.86 0.11
C GLY B 192 -21.28 -27.01 1.34
N HIS B 193 -20.63 -25.87 1.14
CA HIS B 193 -20.39 -24.96 2.25
C HIS B 193 -21.68 -24.27 2.67
N THR B 194 -21.77 -23.96 3.96
CA THR B 194 -22.92 -23.25 4.51
C THR B 194 -22.56 -21.84 4.97
N GLY B 195 -21.42 -21.33 4.52
CA GLY B 195 -20.99 -19.99 4.89
C GLY B 195 -20.09 -19.41 3.82
N ASP B 196 -19.76 -18.14 3.99
CA ASP B 196 -18.96 -17.43 3.01
C ASP B 196 -17.56 -18.02 2.95
N VAL B 197 -17.19 -18.55 1.78
CA VAL B 197 -15.85 -19.08 1.60
C VAL B 197 -14.85 -17.93 1.57
N MET B 198 -13.86 -18.00 2.44
CA MET B 198 -12.92 -16.90 2.58
C MET B 198 -11.50 -17.19 2.09
N SER B 199 -11.20 -18.44 1.75
CA SER B 199 -9.90 -18.76 1.17
C SER B 199 -9.83 -20.12 0.53
N LEU B 200 -8.89 -20.31 -0.37
CA LEU B 200 -8.71 -21.58 -1.05
C LEU B 200 -7.23 -21.81 -1.28
N SER B 201 -6.80 -23.06 -1.30
CA SER B 201 -5.42 -23.35 -1.59
C SER B 201 -5.31 -24.53 -2.49
N LEU B 202 -4.67 -24.39 -3.63
CA LEU B 202 -4.54 -25.46 -4.58
C LEU B 202 -3.40 -26.35 -4.23
N ALA B 203 -3.57 -27.64 -4.43
CA ALA B 203 -2.54 -28.60 -4.08
C ALA B 203 -1.33 -28.46 -4.96
N PRO B 204 -0.19 -29.00 -4.51
CA PRO B 204 0.97 -28.97 -5.40
C PRO B 204 0.68 -29.55 -6.77
N ASP B 205 -0.09 -30.63 -6.85
CA ASP B 205 -0.44 -31.25 -8.12
C ASP B 205 -1.66 -30.64 -8.81
N THR B 206 -2.30 -29.66 -8.19
CA THR B 206 -3.48 -28.98 -8.74
C THR B 206 -4.53 -29.95 -9.23
N ARG B 207 -4.73 -31.04 -8.50
CA ARG B 207 -5.78 -31.99 -8.84
C ARG B 207 -6.76 -31.93 -7.71
N LEU B 208 -6.34 -31.39 -6.58
CA LEU B 208 -7.22 -31.24 -5.45
C LEU B 208 -6.98 -29.87 -4.85
N PHE B 209 -7.92 -29.38 -4.08
CA PHE B 209 -7.78 -28.11 -3.38
C PHE B 209 -8.74 -28.06 -2.20
N VAL B 210 -8.43 -27.18 -1.26
CA VAL B 210 -9.21 -27.01 -0.04
C VAL B 210 -9.76 -25.59 0.00
N SER B 211 -10.86 -25.42 0.73
CA SER B 211 -11.50 -24.11 0.87
C SER B 211 -11.91 -23.91 2.31
N GLY B 212 -11.60 -22.75 2.87
CA GLY B 212 -12.00 -22.42 4.22
C GLY B 212 -13.12 -21.40 4.24
N ALA B 213 -14.26 -21.76 4.82
CA ALA B 213 -15.45 -20.92 4.82
C ALA B 213 -15.72 -20.38 6.21
N CYS B 214 -16.79 -19.59 6.32
CA CYS B 214 -17.17 -18.96 7.58
C CYS B 214 -17.99 -19.88 8.48
N ASP B 215 -18.35 -21.08 8.02
CA ASP B 215 -19.02 -22.06 8.86
C ASP B 215 -18.05 -22.87 9.70
N ALA B 216 -16.82 -22.39 9.87
CA ALA B 216 -15.79 -23.05 10.68
C ALA B 216 -15.51 -24.47 10.19
N SER B 217 -15.36 -24.60 8.87
CA SER B 217 -15.07 -25.90 8.28
C SER B 217 -14.19 -25.70 7.05
N ALA B 218 -13.43 -26.74 6.73
CA ALA B 218 -12.60 -26.77 5.53
C ALA B 218 -12.93 -28.03 4.74
N LYS B 219 -13.17 -27.87 3.45
CA LYS B 219 -13.60 -28.97 2.59
C LYS B 219 -12.55 -29.22 1.51
N LEU B 220 -12.21 -30.48 1.30
CA LEU B 220 -11.22 -30.89 0.30
C LEU B 220 -11.96 -31.30 -0.97
N TRP B 221 -11.82 -30.50 -2.02
CA TRP B 221 -12.52 -30.72 -3.27
C TRP B 221 -11.60 -31.37 -4.30
N ASP B 222 -12.23 -31.90 -5.35
CA ASP B 222 -11.52 -32.43 -6.51
C ASP B 222 -11.88 -31.56 -7.71
N VAL B 223 -10.87 -31.02 -8.39
CA VAL B 223 -11.13 -30.10 -9.50
C VAL B 223 -11.76 -30.84 -10.67
N ARG B 224 -11.36 -32.09 -10.92
CA ARG B 224 -11.89 -32.83 -12.06
C ARG B 224 -13.23 -33.47 -11.73
N GLU B 225 -13.32 -34.19 -10.61
CA GLU B 225 -14.57 -34.83 -10.24
C GLU B 225 -15.64 -33.80 -9.89
N GLY B 226 -15.25 -32.72 -9.21
CA GLY B 226 -16.20 -31.68 -8.84
C GLY B 226 -16.98 -31.95 -7.58
N MET B 227 -16.61 -32.95 -6.79
CA MET B 227 -17.32 -33.30 -5.58
C MET B 227 -16.38 -33.20 -4.38
N CYS B 228 -16.94 -32.81 -3.24
CA CYS B 228 -16.15 -32.72 -2.01
C CYS B 228 -15.76 -34.11 -1.54
N ARG B 229 -14.48 -34.27 -1.18
CA ARG B 229 -13.98 -35.55 -0.71
C ARG B 229 -14.05 -35.68 0.80
N GLN B 230 -13.49 -34.72 1.53
CA GLN B 230 -13.46 -34.76 2.99
C GLN B 230 -13.81 -33.38 3.53
N THR B 231 -14.24 -33.36 4.79
CA THR B 231 -14.50 -32.12 5.51
C THR B 231 -13.74 -32.15 6.83
N PHE B 232 -13.40 -30.96 7.33
CA PHE B 232 -12.58 -30.81 8.53
C PHE B 232 -13.22 -29.75 9.42
N THR B 233 -13.85 -30.18 10.50
CA THR B 233 -14.52 -29.30 11.44
C THR B 233 -13.76 -29.30 12.76
N GLY B 234 -12.83 -28.35 12.91
CA GLY B 234 -12.06 -28.26 14.14
C GLY B 234 -11.97 -26.86 14.71
N HIS B 235 -12.40 -25.86 13.93
CA HIS B 235 -12.31 -24.48 14.38
C HIS B 235 -13.61 -24.06 15.06
N GLU B 236 -13.55 -22.91 15.72
CA GLU B 236 -14.71 -22.34 16.40
C GLU B 236 -15.20 -21.03 15.80
N SER B 237 -14.47 -20.46 14.84
CA SER B 237 -14.85 -19.20 14.23
C SER B 237 -14.57 -19.29 12.73
N ASP B 238 -14.73 -18.17 12.03
CA ASP B 238 -14.56 -18.15 10.58
C ASP B 238 -13.11 -18.39 10.21
N ILE B 239 -12.90 -19.22 9.18
CA ILE B 239 -11.56 -19.53 8.70
C ILE B 239 -11.19 -18.46 7.67
N ASN B 240 -10.32 -17.54 8.08
CA ASN B 240 -9.95 -16.42 7.21
C ASN B 240 -8.85 -16.77 6.21
N ALA B 241 -8.13 -17.87 6.41
CA ALA B 241 -7.02 -18.19 5.54
C ALA B 241 -6.74 -19.69 5.61
N ILE B 242 -6.26 -20.23 4.49
CA ILE B 242 -5.93 -21.65 4.39
C ILE B 242 -4.72 -21.81 3.47
N CYS B 243 -3.84 -22.73 3.83
CA CYS B 243 -2.66 -23.03 3.02
C CYS B 243 -2.60 -24.51 2.72
N PHE B 244 -1.48 -24.98 2.17
CA PHE B 244 -1.33 -26.39 1.86
C PHE B 244 0.11 -26.79 2.15
N PHE B 245 0.28 -27.96 2.76
CA PHE B 245 1.63 -28.46 3.05
C PHE B 245 2.35 -28.74 1.73
N PRO B 246 3.67 -28.53 1.69
CA PRO B 246 4.40 -28.69 0.42
C PRO B 246 4.27 -30.09 -0.19
N ASN B 247 4.17 -31.14 0.62
CA ASN B 247 4.05 -32.48 0.06
C ASN B 247 2.67 -32.76 -0.50
N GLY B 248 1.68 -31.92 -0.20
CA GLY B 248 0.34 -32.10 -0.70
C GLY B 248 -0.53 -33.04 0.09
N ASN B 249 -0.07 -33.51 1.25
CA ASN B 249 -0.83 -34.45 2.07
C ASN B 249 -1.33 -33.84 3.36
N ALA B 250 -1.23 -32.51 3.51
CA ALA B 250 -1.71 -31.83 4.70
C ALA B 250 -1.96 -30.37 4.35
N PHE B 251 -2.64 -29.67 5.24
CA PHE B 251 -2.88 -28.25 5.04
C PHE B 251 -3.11 -27.59 6.40
N ALA B 252 -2.93 -26.28 6.43
CA ALA B 252 -3.07 -25.49 7.65
C ALA B 252 -4.13 -24.42 7.45
N THR B 253 -5.00 -24.27 8.44
CA THR B 253 -6.05 -23.26 8.43
C THR B 253 -5.76 -22.19 9.46
N GLY B 254 -6.29 -21.00 9.22
CA GLY B 254 -6.20 -19.92 10.18
C GLY B 254 -7.56 -19.26 10.38
N SER B 255 -8.09 -19.33 11.59
CA SER B 255 -9.44 -18.88 11.87
C SER B 255 -9.42 -17.60 12.69
N ASP B 256 -10.61 -17.11 13.02
CA ASP B 256 -10.79 -15.86 13.75
C ASP B 256 -10.64 -16.03 15.26
N ASP B 257 -10.53 -17.27 15.74
CA ASP B 257 -10.38 -17.52 17.17
C ASP B 257 -8.92 -17.61 17.61
N ALA B 258 -8.01 -17.00 16.84
CA ALA B 258 -6.60 -16.89 17.18
C ALA B 258 -5.88 -18.23 17.26
N THR B 259 -6.42 -19.27 16.61
CA THR B 259 -5.78 -20.58 16.61
C THR B 259 -5.67 -21.08 15.18
N CYS B 260 -4.47 -21.51 14.80
CA CYS B 260 -4.26 -22.26 13.57
C CYS B 260 -4.44 -23.75 13.83
N ARG B 261 -4.51 -24.52 12.75
CA ARG B 261 -4.68 -25.96 12.87
C ARG B 261 -4.04 -26.63 11.67
N LEU B 262 -3.55 -27.85 11.87
CA LEU B 262 -2.88 -28.61 10.82
C LEU B 262 -3.66 -29.89 10.59
N PHE B 263 -4.48 -29.91 9.54
CA PHE B 263 -5.25 -31.08 9.17
C PHE B 263 -4.47 -31.93 8.18
N ASP B 264 -4.80 -33.23 8.16
CA ASP B 264 -4.15 -34.18 7.27
C ASP B 264 -5.21 -34.86 6.41
N LEU B 265 -4.93 -34.94 5.10
CA LEU B 265 -5.89 -35.54 4.18
C LEU B 265 -6.00 -37.04 4.33
N ARG B 266 -5.00 -37.69 4.94
CA ARG B 266 -5.02 -39.14 5.13
C ARG B 266 -5.59 -39.53 6.48
N ALA B 267 -5.16 -38.94 7.56
CA ALA B 267 -5.77 -39.31 8.83
C ALA B 267 -7.12 -38.66 8.98
N ASP B 268 -7.46 -37.71 8.11
CA ASP B 268 -8.75 -36.98 8.14
C ASP B 268 -9.04 -36.23 9.45
N GLN B 269 -8.02 -35.66 10.09
CA GLN B 269 -8.22 -34.96 11.36
C GLN B 269 -7.12 -33.98 11.71
N GLU B 270 -7.41 -33.05 12.62
CA GLU B 270 -6.43 -32.05 13.01
C GLU B 270 -5.32 -32.70 13.77
N LEU B 271 -4.10 -32.34 13.41
CA LEU B 271 -2.94 -32.91 14.08
C LEU B 271 -2.48 -32.08 15.27
N MET B 272 -2.30 -30.77 15.09
CA MET B 272 -1.84 -29.93 16.19
C MET B 272 -2.46 -28.54 16.04
N THR B 273 -2.58 -27.84 17.16
CA THR B 273 -3.19 -26.53 17.22
C THR B 273 -2.12 -25.49 17.59
N TYR B 274 -2.06 -24.41 16.81
CA TYR B 274 -1.04 -23.38 16.97
C TYR B 274 -1.68 -22.17 17.64
N SER B 275 -1.73 -22.19 18.98
CA SER B 275 -2.38 -21.16 19.75
C SER B 275 -1.50 -20.74 20.92
N HIS B 276 -1.68 -19.50 21.36
CA HIS B 276 -0.99 -18.96 22.52
C HIS B 276 -1.97 -18.09 23.32
N ASP B 277 -1.79 -18.08 24.64
CA ASP B 277 -2.68 -17.31 25.50
C ASP B 277 -2.52 -15.81 25.27
N ASN B 278 -1.31 -15.36 24.91
CA ASN B 278 -1.06 -13.95 24.68
C ASN B 278 -1.77 -13.43 23.44
N ILE B 279 -2.02 -14.30 22.45
CA ILE B 279 -2.65 -13.88 21.19
C ILE B 279 -4.13 -14.16 21.17
N ILE B 280 -4.93 -13.10 21.05
CA ILE B 280 -6.37 -13.24 21.05
C ILE B 280 -6.98 -12.80 19.73
N CYS B 281 -6.16 -12.30 18.81
CA CYS B 281 -6.64 -11.82 17.52
C CYS B 281 -6.59 -12.89 16.47
N GLY B 282 -7.45 -12.82 15.47
CA GLY B 282 -7.52 -13.87 14.49
C GLY B 282 -6.49 -13.92 13.42
N ILE B 283 -6.33 -15.08 12.80
CA ILE B 283 -5.30 -15.22 11.78
C ILE B 283 -5.87 -14.77 10.44
N THR B 284 -5.11 -13.97 9.72
CA THR B 284 -5.54 -13.46 8.41
C THR B 284 -4.86 -14.16 7.24
N SER B 285 -3.65 -14.68 7.44
CA SER B 285 -2.92 -15.34 6.36
C SER B 285 -2.07 -16.46 6.94
N VAL B 286 -1.95 -17.54 6.18
CA VAL B 286 -1.15 -18.69 6.58
C VAL B 286 -0.38 -19.18 5.36
N SER B 287 0.93 -19.43 5.53
CA SER B 287 1.73 -20.04 4.49
C SER B 287 2.85 -20.84 5.13
N PHE B 288 3.21 -21.95 4.50
CA PHE B 288 4.29 -22.79 5.00
C PHE B 288 5.62 -22.35 4.41
N SER B 289 6.70 -22.86 5.00
CA SER B 289 8.02 -22.71 4.42
C SER B 289 8.21 -23.74 3.31
N LYS B 290 9.34 -23.66 2.61
CA LYS B 290 9.60 -24.60 1.52
C LYS B 290 9.69 -26.03 2.04
N SER B 291 10.37 -26.23 3.17
CA SER B 291 10.46 -27.56 3.76
C SER B 291 9.20 -27.94 4.53
N GLY B 292 8.37 -26.97 4.90
CA GLY B 292 7.18 -27.23 5.68
C GLY B 292 7.38 -27.22 7.17
N ARG B 293 8.61 -27.04 7.65
CA ARG B 293 8.87 -27.02 9.09
C ARG B 293 8.37 -25.75 9.74
N LEU B 294 8.30 -24.64 9.00
CA LEU B 294 7.87 -23.36 9.54
C LEU B 294 6.49 -23.01 9.01
N LEU B 295 5.67 -22.36 9.85
CA LEU B 295 4.31 -21.97 9.50
C LEU B 295 4.16 -20.48 9.77
N LEU B 296 4.39 -19.66 8.74
CA LEU B 296 4.10 -18.24 8.85
C LEU B 296 2.60 -18.04 9.03
N ALA B 297 2.24 -17.02 9.81
CA ALA B 297 0.83 -16.77 10.10
C ALA B 297 0.65 -15.30 10.48
N GLY B 298 -0.06 -14.55 9.64
CA GLY B 298 -0.37 -13.18 9.96
C GLY B 298 -1.43 -13.09 11.04
N TYR B 299 -1.46 -11.96 11.73
CA TYR B 299 -2.40 -11.80 12.79
C TYR B 299 -2.87 -10.37 12.75
N ASP B 300 -4.05 -10.10 13.29
CA ASP B 300 -4.55 -8.74 13.35
C ASP B 300 -3.77 -7.86 14.32
N ASP B 301 -2.97 -8.43 15.22
CA ASP B 301 -2.21 -7.66 16.21
C ASP B 301 -0.98 -7.19 15.49
N PHE B 302 -1.12 -6.64 14.31
CA PHE B 302 -0.12 -5.87 13.58
C PHE B 302 1.15 -6.70 13.47
N ASN B 303 1.13 -7.95 13.91
CA ASN B 303 2.32 -8.79 13.97
C ASN B 303 2.10 -10.07 13.19
N CYS B 304 3.21 -10.64 12.72
CA CYS B 304 3.23 -11.95 12.09
C CYS B 304 4.08 -12.90 12.93
N ASN B 305 3.55 -14.09 13.18
CA ASN B 305 4.21 -15.07 14.04
C ASN B 305 4.63 -16.28 13.23
N VAL B 306 5.84 -16.75 13.47
CA VAL B 306 6.38 -17.93 12.81
C VAL B 306 6.22 -19.11 13.74
N TRP B 307 5.42 -20.10 13.32
CA TRP B 307 5.09 -21.25 14.15
C TRP B 307 5.86 -22.47 13.67
N ASP B 308 6.52 -23.14 14.60
CA ASP B 308 7.17 -24.41 14.29
C ASP B 308 6.09 -25.46 14.03
N ALA B 309 5.95 -25.85 12.76
CA ALA B 309 4.83 -26.69 12.34
C ALA B 309 4.84 -28.06 12.99
N LEU B 310 5.96 -28.49 13.59
CA LEU B 310 6.04 -29.81 14.19
C LEU B 310 5.95 -29.77 15.72
N LYS B 311 6.11 -28.61 16.34
CA LYS B 311 6.09 -28.52 17.80
C LYS B 311 5.16 -27.43 18.33
N ALA B 312 4.54 -26.61 17.47
CA ALA B 312 3.66 -25.52 17.89
C ALA B 312 4.35 -24.56 18.85
N ASP B 313 5.63 -24.30 18.61
CA ASP B 313 6.40 -23.36 19.39
C ASP B 313 6.69 -22.15 18.52
N ARG B 314 6.25 -20.97 18.97
CA ARG B 314 6.49 -19.75 18.21
C ARG B 314 7.98 -19.48 18.09
N ALA B 315 8.52 -19.64 16.88
CA ALA B 315 9.95 -19.52 16.64
C ALA B 315 10.39 -18.11 16.29
N GLY B 316 9.47 -17.16 16.26
CA GLY B 316 9.82 -15.80 15.94
C GLY B 316 8.58 -14.97 15.68
N VAL B 317 8.78 -13.66 15.65
CA VAL B 317 7.72 -12.69 15.40
C VAL B 317 8.21 -11.72 14.35
N LEU B 318 7.42 -11.55 13.29
CA LEU B 318 7.76 -10.61 12.21
C LEU B 318 7.05 -9.28 12.45
N ALA B 319 7.45 -8.64 13.55
CA ALA B 319 6.82 -7.40 13.98
C ALA B 319 7.48 -6.21 13.29
N GLY B 320 6.92 -5.79 12.17
CA GLY B 320 7.41 -4.62 11.47
C GLY B 320 6.31 -3.80 10.84
N HIS B 321 5.06 -4.17 11.10
CA HIS B 321 3.90 -3.55 10.46
C HIS B 321 3.14 -2.69 11.45
N ASP B 322 2.63 -1.56 10.97
CA ASP B 322 1.90 -0.60 11.80
C ASP B 322 0.39 -0.82 11.72
N ASN B 323 -0.07 -1.86 11.04
CA ASN B 323 -1.49 -2.15 10.95
C ASN B 323 -1.67 -3.65 10.73
N ARG B 324 -2.94 -4.06 10.60
CA ARG B 324 -3.27 -5.47 10.50
C ARG B 324 -2.60 -6.12 9.30
N VAL B 325 -1.98 -7.28 9.53
CA VAL B 325 -1.41 -8.05 8.44
C VAL B 325 -2.53 -8.81 7.74
N SER B 326 -2.65 -8.59 6.43
CA SER B 326 -3.78 -9.15 5.64
C SER B 326 -3.33 -10.24 4.68
N CYS B 327 -2.17 -10.07 4.06
CA CYS B 327 -1.69 -11.04 3.08
C CYS B 327 -0.26 -11.43 3.43
N LEU B 328 0.11 -12.64 3.04
CA LEU B 328 1.40 -13.21 3.41
C LEU B 328 1.69 -14.40 2.52
N GLY B 329 2.89 -14.43 1.94
CA GLY B 329 3.25 -15.51 1.05
C GLY B 329 4.74 -15.79 1.02
N VAL B 330 5.10 -17.08 0.99
CA VAL B 330 6.48 -17.52 0.92
C VAL B 330 6.83 -17.83 -0.52
N THR B 331 8.03 -17.44 -0.95
CA THR B 331 8.47 -17.67 -2.31
C THR B 331 8.45 -19.16 -2.64
N ASP B 332 8.45 -19.46 -3.95
CA ASP B 332 8.44 -20.84 -4.38
C ASP B 332 9.71 -21.58 -3.99
N ASP B 333 10.85 -20.89 -4.01
CA ASP B 333 12.11 -21.47 -3.55
C ASP B 333 12.32 -21.28 -2.05
N GLY B 334 11.37 -20.65 -1.36
CA GLY B 334 11.49 -20.44 0.06
C GLY B 334 12.50 -19.41 0.49
N MET B 335 12.98 -18.58 -0.44
CA MET B 335 14.05 -17.65 -0.14
C MET B 335 13.57 -16.38 0.55
N ALA B 336 12.28 -16.08 0.54
CA ALA B 336 11.80 -14.85 1.13
C ALA B 336 10.35 -15.01 1.58
N VAL B 337 9.94 -14.15 2.50
CA VAL B 337 8.57 -14.06 2.98
C VAL B 337 8.11 -12.63 2.82
N ALA B 338 7.01 -12.41 2.13
CA ALA B 338 6.47 -11.07 1.91
C ALA B 338 5.15 -10.94 2.65
N THR B 339 5.04 -9.91 3.48
CA THR B 339 3.85 -9.65 4.28
C THR B 339 3.28 -8.30 3.88
N GLY B 340 1.98 -8.26 3.63
CA GLY B 340 1.27 -7.03 3.31
C GLY B 340 0.29 -6.71 4.42
N SER B 341 0.20 -5.42 4.75
CA SER B 341 -0.63 -4.98 5.85
C SER B 341 -1.58 -3.88 5.38
N TRP B 342 -2.45 -3.46 6.29
CA TRP B 342 -3.41 -2.40 6.00
C TRP B 342 -2.78 -1.01 6.01
N ASP B 343 -1.50 -0.90 6.40
CA ASP B 343 -0.79 0.37 6.35
C ASP B 343 -0.22 0.67 4.96
N SER B 344 -0.70 -0.01 3.93
CA SER B 344 -0.30 0.22 2.55
C SER B 344 1.18 -0.06 2.33
N PHE B 345 1.75 -1.01 3.07
CA PHE B 345 3.14 -1.39 2.93
C PHE B 345 3.25 -2.87 2.61
N LEU B 346 4.39 -3.25 2.04
CA LEU B 346 4.65 -4.62 1.61
C LEU B 346 6.12 -4.90 1.86
N LYS B 347 6.41 -5.73 2.85
CA LYS B 347 7.76 -5.96 3.32
C LYS B 347 8.24 -7.36 3.01
N ILE B 348 9.46 -7.48 2.51
CA ILE B 348 10.07 -8.75 2.18
C ILE B 348 10.99 -9.15 3.33
N TRP B 349 10.73 -10.29 3.94
CA TRP B 349 11.48 -10.77 5.10
C TRP B 349 12.37 -11.93 4.69
N ASN B 350 13.60 -11.93 5.17
CA ASN B 350 14.56 -12.98 4.86
C ASN B 350 15.44 -13.23 6.07
N GLY B 351 15.78 -14.50 6.30
CA GLY B 351 16.62 -14.84 7.43
C GLY B 351 18.05 -14.37 7.25
N SER B 352 18.72 -14.13 8.37
CA SER B 352 20.10 -13.67 8.40
C SER B 352 20.97 -14.74 9.03
N SER B 353 22.08 -15.07 8.37
CA SER B 353 23.01 -16.07 8.88
C SER B 353 24.30 -15.43 9.35
N VAL C 1 0.59 -3.17 -34.07
CA VAL C 1 1.94 -2.65 -33.96
C VAL C 1 2.54 -2.43 -35.33
N GLN C 2 2.81 -1.17 -35.67
CA GLN C 2 3.37 -0.82 -36.97
C GLN C 2 4.00 0.56 -36.87
N LEU C 3 5.28 0.66 -37.24
CA LEU C 3 5.99 1.93 -37.26
C LEU C 3 6.28 2.31 -38.70
N VAL C 4 5.82 3.49 -39.11
CA VAL C 4 6.03 4.00 -40.46
C VAL C 4 6.78 5.33 -40.35
N GLU C 5 7.89 5.44 -41.07
CA GLU C 5 8.76 6.61 -41.01
C GLU C 5 8.85 7.25 -42.38
N SER C 6 8.81 8.57 -42.40
CA SER C 6 8.92 9.33 -43.65
C SER C 6 9.59 10.66 -43.35
N GLY C 7 10.17 11.26 -44.39
CA GLY C 7 10.85 12.53 -44.24
C GLY C 7 12.32 12.47 -44.63
N GLY C 8 12.69 11.43 -45.38
CA GLY C 8 14.07 11.28 -45.80
C GLY C 8 14.24 11.24 -47.31
N GLY C 9 14.98 12.20 -47.85
CA GLY C 9 15.23 12.26 -49.27
C GLY C 9 16.66 12.64 -49.59
N LEU C 10 16.84 13.53 -50.56
CA LEU C 10 18.16 14.02 -50.96
C LEU C 10 18.38 15.38 -50.31
N VAL C 11 19.41 15.47 -49.47
CA VAL C 11 19.74 16.69 -48.74
C VAL C 11 21.16 17.10 -49.07
N GLN C 12 21.36 18.37 -49.38
CA GLN C 12 22.69 18.87 -49.65
C GLN C 12 23.55 18.81 -48.39
N PRO C 13 24.85 18.57 -48.53
CA PRO C 13 25.73 18.52 -47.35
C PRO C 13 25.73 19.86 -46.60
N GLY C 14 25.79 19.76 -45.28
CA GLY C 14 25.73 20.93 -44.43
C GLY C 14 24.35 21.46 -44.16
N GLY C 15 23.31 20.82 -44.70
CA GLY C 15 21.95 21.26 -44.50
C GLY C 15 21.31 20.65 -43.26
N SER C 16 19.98 20.72 -43.22
CA SER C 16 19.23 20.20 -42.09
C SER C 16 18.05 19.39 -42.61
N ARG C 17 17.63 18.41 -41.81
CA ARG C 17 16.49 17.56 -42.16
C ARG C 17 15.91 16.99 -40.89
N LYS C 18 14.61 16.70 -40.93
CA LYS C 18 13.89 16.12 -39.79
C LYS C 18 13.21 14.84 -40.23
N LEU C 19 13.37 13.79 -39.43
CA LEU C 19 12.72 12.50 -39.68
C LEU C 19 11.56 12.32 -38.72
N SER C 20 10.44 11.83 -39.24
CA SER C 20 9.24 11.59 -38.47
C SER C 20 8.91 10.10 -38.48
N CYS C 21 8.64 9.55 -37.30
CA CYS C 21 8.30 8.14 -37.13
C CYS C 21 6.88 8.06 -36.59
N SER C 22 5.94 7.60 -37.41
CA SER C 22 4.54 7.50 -37.04
C SER C 22 4.31 6.13 -36.39
N ALA C 23 3.88 6.15 -35.12
CA ALA C 23 3.67 4.93 -34.36
C ALA C 23 2.19 4.68 -34.17
N SER C 24 1.78 3.43 -34.40
CA SER C 24 0.39 3.03 -34.24
C SER C 24 0.34 1.55 -33.86
N GLY C 25 -0.77 1.16 -33.24
CA GLY C 25 -1.00 -0.21 -32.85
C GLY C 25 -0.41 -0.61 -31.51
N PHE C 26 0.21 0.31 -30.78
CA PHE C 26 0.78 0.00 -29.48
C PHE C 26 0.84 1.26 -28.64
N ALA C 27 1.05 1.08 -27.33
CA ALA C 27 1.15 2.21 -26.41
C ALA C 27 2.47 2.93 -26.58
N PHE C 28 2.50 3.92 -27.46
CA PHE C 28 3.75 4.64 -27.75
C PHE C 28 4.28 5.37 -26.53
N SER C 29 3.39 5.80 -25.63
CA SER C 29 3.82 6.58 -24.48
C SER C 29 4.61 5.76 -23.47
N SER C 30 4.50 4.43 -23.51
CA SER C 30 5.17 3.56 -22.56
C SER C 30 6.41 2.88 -23.13
N PHE C 31 6.81 3.22 -24.35
CA PHE C 31 7.91 2.56 -25.03
C PHE C 31 9.06 3.54 -25.25
N GLY C 32 10.25 3.17 -24.77
CA GLY C 32 11.44 3.90 -25.15
C GLY C 32 11.74 3.71 -26.63
N MET C 33 12.21 4.77 -27.27
CA MET C 33 12.35 4.80 -28.72
C MET C 33 13.80 5.06 -29.10
N HIS C 34 14.30 4.29 -30.05
CA HIS C 34 15.65 4.45 -30.57
C HIS C 34 15.61 4.83 -32.05
N TRP C 35 16.71 5.40 -32.53
CA TRP C 35 16.93 5.61 -33.95
C TRP C 35 18.18 4.84 -34.35
N VAL C 36 18.07 4.01 -35.38
CA VAL C 36 19.18 3.17 -35.83
C VAL C 36 19.37 3.42 -37.32
N ARG C 37 20.58 3.81 -37.70
CA ARG C 37 20.91 4.03 -39.10
C ARG C 37 21.71 2.86 -39.65
N GLN C 38 21.65 2.69 -40.97
CA GLN C 38 22.36 1.61 -41.65
C GLN C 38 22.84 2.15 -43.01
N ALA C 39 24.13 2.42 -43.10
CA ALA C 39 24.70 2.88 -44.36
C ALA C 39 24.61 1.77 -45.40
N PRO C 40 24.49 2.12 -46.68
CA PRO C 40 24.41 1.08 -47.72
C PRO C 40 25.62 0.18 -47.70
N GLU C 41 25.37 -1.13 -47.80
CA GLU C 41 26.42 -2.15 -47.74
C GLU C 41 27.26 -2.02 -46.47
N LYS C 42 26.58 -1.63 -45.39
CA LYS C 42 27.28 -1.47 -44.09
C LYS C 42 26.36 -1.95 -42.97
N GLY C 43 26.91 -2.07 -41.77
CA GLY C 43 26.16 -2.56 -40.62
C GLY C 43 25.34 -1.48 -39.93
N LEU C 44 24.50 -1.94 -39.00
CA LEU C 44 23.64 -1.02 -38.26
C LEU C 44 24.47 -0.18 -37.30
N GLU C 45 24.05 1.08 -37.14
CA GLU C 45 24.74 1.99 -36.19
C GLU C 45 23.68 2.71 -35.37
N TRP C 46 23.84 2.72 -34.07
CA TRP C 46 22.89 3.37 -33.16
C TRP C 46 23.08 4.88 -33.19
N VAL C 47 21.97 5.61 -33.19
CA VAL C 47 21.98 7.06 -33.36
C VAL C 47 21.54 7.78 -32.08
N ALA C 48 20.31 7.53 -31.63
CA ALA C 48 19.77 8.26 -30.50
C ALA C 48 18.75 7.39 -29.77
N TYR C 49 18.37 7.84 -28.58
CA TYR C 49 17.41 7.13 -27.75
C TYR C 49 16.71 8.11 -26.83
N ILE C 50 15.38 8.03 -26.78
CA ILE C 50 14.56 8.82 -25.87
C ILE C 50 13.65 7.88 -25.12
N SER C 51 13.62 8.01 -23.79
CA SER C 51 12.88 7.08 -22.94
C SER C 51 11.42 7.48 -22.88
N SER C 52 10.64 6.70 -22.14
CA SER C 52 9.25 7.06 -21.88
C SER C 52 9.19 8.27 -20.97
N GLY C 53 8.42 9.28 -21.36
CA GLY C 53 8.39 10.52 -20.64
C GLY C 53 9.52 11.47 -20.95
N SER C 54 10.42 11.09 -21.87
CA SER C 54 11.54 11.94 -22.27
C SER C 54 12.41 12.32 -21.09
N GLY C 55 12.62 11.38 -20.17
CA GLY C 55 13.42 11.64 -18.99
C GLY C 55 14.91 11.64 -19.28
N THR C 56 15.40 10.59 -19.94
CA THR C 56 16.80 10.46 -20.30
C THR C 56 16.94 10.35 -21.80
N ILE C 57 17.89 11.09 -22.36
CA ILE C 57 18.16 11.11 -23.79
C ILE C 57 19.63 10.84 -24.01
N TYR C 58 19.94 9.89 -24.89
CA TYR C 58 21.34 9.50 -25.14
C TYR C 58 21.58 9.51 -26.65
N TYR C 59 22.64 10.18 -27.10
CA TYR C 59 22.96 10.24 -28.54
C TYR C 59 24.31 9.59 -28.80
N ALA C 60 24.57 9.19 -30.04
CA ALA C 60 25.87 8.58 -30.38
C ALA C 60 26.91 9.69 -30.41
N ASP C 61 28.19 9.33 -30.37
CA ASP C 61 29.28 10.34 -30.35
C ASP C 61 29.41 10.97 -31.74
N THR C 62 28.86 10.32 -32.76
CA THR C 62 29.02 10.82 -34.16
C THR C 62 27.81 11.67 -34.58
N VAL C 63 26.90 11.95 -33.64
CA VAL C 63 25.66 12.73 -33.97
C VAL C 63 25.36 13.72 -32.84
N LYS C 64 26.10 13.64 -31.73
CA LYS C 64 25.78 14.51 -30.56
C LYS C 64 25.94 15.96 -30.99
N GLY C 65 24.93 16.78 -30.76
CA GLY C 65 24.97 18.20 -31.18
C GLY C 65 24.33 18.40 -32.54
N ARG C 66 24.74 17.59 -33.53
CA ARG C 66 24.16 17.68 -34.89
C ARG C 66 22.72 17.14 -34.89
N PHE C 67 22.46 16.05 -34.15
CA PHE C 67 21.11 15.43 -34.19
C PHE C 67 20.42 15.56 -32.84
N THR C 68 19.08 15.68 -32.84
CA THR C 68 18.32 15.73 -31.55
C THR C 68 17.05 14.88 -31.69
N ILE C 69 16.73 14.08 -30.66
CA ILE C 69 15.53 13.19 -30.71
C ILE C 69 14.43 13.78 -29.84
N SER C 70 13.19 13.74 -30.30
CA SER C 70 12.04 14.25 -29.52
C SER C 70 10.82 13.39 -29.83
N ARG C 71 9.89 13.28 -28.88
CA ARG C 71 8.71 12.41 -29.08
C ARG C 71 7.43 13.20 -28.83
N ASP C 72 6.43 13.05 -29.70
CA ASP C 72 5.13 13.71 -29.46
C ASP C 72 4.16 12.64 -28.96
N ASP C 73 4.21 12.30 -27.68
CA ASP C 73 3.37 11.20 -27.15
C ASP C 73 1.90 11.40 -27.56
N PRO C 74 1.25 12.55 -27.30
CA PRO C 74 -0.16 12.71 -27.63
C PRO C 74 -0.48 12.33 -29.08
N LYS C 75 0.42 12.63 -30.02
CA LYS C 75 0.12 12.34 -31.46
C LYS C 75 0.88 11.09 -31.90
N ASN C 76 1.55 10.40 -30.97
CA ASN C 76 2.25 9.13 -31.30
C ASN C 76 3.18 9.32 -32.50
N THR C 77 4.20 10.18 -32.37
CA THR C 77 5.20 10.33 -33.46
C THR C 77 6.59 10.60 -32.86
N LEU C 78 7.64 9.98 -33.41
CA LEU C 78 9.02 10.20 -32.92
C LEU C 78 9.79 10.98 -33.99
N PHE C 79 10.64 11.94 -33.59
CA PHE C 79 11.33 12.79 -34.59
C PHE C 79 12.82 12.87 -34.32
N LEU C 80 13.63 13.07 -35.37
CA LEU C 80 15.09 13.29 -35.19
C LEU C 80 15.43 14.56 -35.97
N GLN C 81 15.76 15.65 -35.29
CA GLN C 81 16.19 16.86 -36.04
C GLN C 81 17.66 16.68 -36.40
N MET C 82 17.92 16.34 -37.65
CA MET C 82 19.31 16.08 -38.09
C MET C 82 19.88 17.37 -38.68
N THR C 83 20.86 17.97 -38.02
CA THR C 83 21.46 19.25 -38.51
C THR C 83 22.90 19.00 -38.95
N SER C 84 23.49 19.93 -39.70
CA SER C 84 24.88 19.78 -40.20
C SER C 84 25.02 18.42 -40.87
N LEU C 85 24.15 18.10 -41.82
CA LEU C 85 24.16 16.74 -42.44
C LEU C 85 25.51 16.60 -43.12
N ARG C 86 26.39 15.75 -42.56
CA ARG C 86 27.66 15.38 -43.23
C ARG C 86 27.35 14.25 -44.20
N SER C 87 28.29 13.90 -45.07
CA SER C 87 28.05 12.85 -46.10
C SER C 87 28.18 11.46 -45.47
N GLU C 88 28.36 11.39 -44.15
CA GLU C 88 28.41 10.08 -43.44
C GLU C 88 27.01 9.75 -42.94
N ASP C 89 26.04 10.65 -43.15
CA ASP C 89 24.66 10.43 -42.66
C ASP C 89 23.81 9.84 -43.77
N THR C 90 24.43 9.40 -44.87
CA THR C 90 23.65 8.88 -46.02
C THR C 90 23.24 7.43 -45.75
N ALA C 91 22.30 7.21 -44.83
CA ALA C 91 21.95 5.83 -44.44
C ALA C 91 20.45 5.70 -44.16
N MET C 92 19.91 4.48 -44.24
CA MET C 92 18.49 4.26 -43.90
C MET C 92 18.33 4.37 -42.39
N TYR C 93 17.38 5.18 -41.92
CA TYR C 93 17.17 5.36 -40.46
C TYR C 93 15.95 4.54 -40.03
N TYR C 94 16.12 3.68 -39.02
CA TYR C 94 15.00 2.83 -38.52
C TYR C 94 14.55 3.39 -37.17
N CYS C 95 13.35 3.05 -36.75
CA CYS C 95 12.75 3.60 -35.51
C CYS C 95 12.37 2.43 -34.62
N VAL C 96 13.33 1.85 -33.90
CA VAL C 96 13.06 0.63 -33.08
C VAL C 96 12.38 1.03 -31.79
N ARG C 97 11.56 0.15 -31.21
CA ARG C 97 10.89 0.43 -29.92
C ARG C 97 11.60 -0.35 -28.83
N SER C 98 11.43 0.04 -27.58
CA SER C 98 12.05 -0.73 -26.48
C SER C 98 11.36 -0.42 -25.15
N ILE C 99 10.66 -1.38 -24.56
CA ILE C 99 10.08 -1.14 -23.21
C ILE C 99 11.01 -1.82 -22.22
N TYR C 100 11.32 -1.17 -21.10
CA TYR C 100 12.31 -1.76 -20.17
C TYR C 100 11.66 -2.06 -18.83
N TYR C 101 11.50 -3.35 -18.51
CA TYR C 101 10.94 -3.78 -17.21
C TYR C 101 11.42 -5.22 -17.02
N TYR C 102 11.38 -5.76 -15.80
CA TYR C 102 11.95 -7.12 -15.64
C TYR C 102 11.30 -8.07 -16.65
N GLY C 103 12.07 -8.58 -17.61
CA GLY C 103 11.54 -9.59 -18.53
C GLY C 103 11.05 -9.00 -19.83
N SER C 104 11.34 -7.72 -20.06
CA SER C 104 10.89 -7.04 -21.30
C SER C 104 11.71 -7.54 -22.48
N SER C 105 11.24 -7.32 -23.70
CA SER C 105 12.04 -7.68 -24.89
C SER C 105 12.46 -6.40 -25.61
N PRO C 106 13.49 -5.68 -25.14
CA PRO C 106 13.87 -4.41 -25.75
C PRO C 106 14.24 -4.58 -27.23
N PHE C 107 13.96 -3.59 -28.08
CA PHE C 107 14.30 -3.63 -29.53
C PHE C 107 13.37 -4.63 -30.24
N ASP C 108 12.15 -4.81 -29.72
CA ASP C 108 11.24 -5.84 -30.28
C ASP C 108 10.84 -5.51 -31.72
N PHE C 109 10.17 -4.37 -31.94
CA PHE C 109 9.67 -4.07 -33.30
C PHE C 109 10.50 -2.98 -33.94
N TRP C 110 11.09 -3.26 -35.09
CA TRP C 110 11.88 -2.24 -35.83
C TRP C 110 11.00 -1.63 -36.91
N GLY C 111 11.05 -0.31 -37.07
CA GLY C 111 10.26 0.38 -38.11
C GLY C 111 10.70 -0.01 -39.51
N GLN C 112 10.04 0.51 -40.53
CA GLN C 112 10.34 0.08 -41.93
C GLN C 112 11.62 0.77 -42.44
N GLY C 113 11.84 2.04 -42.10
CA GLY C 113 13.10 2.70 -42.50
C GLY C 113 12.89 3.86 -43.45
N THR C 114 13.75 4.88 -43.38
CA THR C 114 13.68 6.04 -44.30
C THR C 114 15.08 6.35 -44.81
N THR C 115 15.30 6.26 -46.12
CA THR C 115 16.66 6.47 -46.68
C THR C 115 16.93 7.97 -46.80
N LEU C 116 17.92 8.48 -46.06
CA LEU C 116 18.31 9.91 -46.20
C LEU C 116 19.65 9.94 -46.94
N THR C 117 19.71 10.63 -48.08
CA THR C 117 20.95 10.66 -48.88
C THR C 117 21.55 12.07 -48.84
N VAL C 118 22.65 12.26 -48.09
CA VAL C 118 23.31 13.60 -48.00
C VAL C 118 24.29 13.74 -49.17
N SER C 119 23.83 14.29 -50.29
CA SER C 119 24.70 14.47 -51.48
C SER C 119 26.14 14.74 -51.05
N ALA C 136 36.08 4.04 -25.43
CA ALA C 136 35.19 3.76 -24.27
C ALA C 136 33.91 3.08 -24.77
N ASP C 137 33.99 2.38 -25.91
CA ASP C 137 32.79 1.73 -26.49
C ASP C 137 33.05 0.22 -26.61
N ILE C 138 32.09 -0.60 -26.18
CA ILE C 138 32.25 -2.09 -26.25
C ILE C 138 32.23 -2.48 -27.72
N VAL C 139 33.38 -2.94 -28.24
CA VAL C 139 33.45 -3.25 -29.70
C VAL C 139 33.05 -4.70 -29.93
N MET C 140 31.83 -4.93 -30.39
CA MET C 140 31.38 -6.31 -30.71
C MET C 140 32.10 -6.74 -31.99
N THR C 141 32.41 -8.03 -32.13
CA THR C 141 33.20 -8.48 -33.31
C THR C 141 32.57 -9.73 -33.94
N GLN C 142 31.76 -9.56 -34.99
CA GLN C 142 31.21 -10.74 -35.70
C GLN C 142 32.23 -11.10 -36.78
N ALA C 143 33.26 -11.86 -36.42
CA ALA C 143 34.36 -12.17 -37.38
C ALA C 143 33.85 -12.50 -38.78
N THR C 144 33.06 -13.55 -38.93
CA THR C 144 32.62 -13.96 -40.30
C THR C 144 31.60 -12.97 -40.84
N SER C 145 31.59 -12.74 -42.15
CA SER C 145 30.58 -11.84 -42.77
C SER C 145 29.84 -12.58 -43.89
N SER C 146 30.41 -13.68 -44.37
CA SER C 146 29.76 -14.48 -45.45
C SER C 146 29.76 -15.95 -45.04
N VAL C 147 28.58 -16.58 -45.08
CA VAL C 147 28.47 -18.01 -44.67
C VAL C 147 27.70 -18.77 -45.75
N PRO C 148 28.33 -19.67 -46.53
CA PRO C 148 27.62 -20.48 -47.52
C PRO C 148 26.91 -21.64 -46.81
N VAL C 149 25.61 -21.49 -46.52
CA VAL C 149 24.89 -22.54 -45.75
C VAL C 149 23.72 -23.07 -46.60
N THR C 150 23.49 -24.38 -46.59
CA THR C 150 22.40 -24.98 -47.40
C THR C 150 21.24 -25.40 -46.49
N PRO C 151 19.97 -25.25 -46.90
CA PRO C 151 18.83 -25.56 -46.03
C PRO C 151 18.91 -26.97 -45.42
N GLY C 152 18.49 -27.12 -44.17
CA GLY C 152 18.47 -28.44 -43.51
C GLY C 152 19.58 -28.60 -42.50
N GLU C 153 20.72 -27.92 -42.69
CA GLU C 153 21.88 -28.11 -41.78
C GLU C 153 21.88 -27.03 -40.68
N SER C 154 22.65 -27.26 -39.62
CA SER C 154 22.71 -26.30 -38.49
C SER C 154 23.83 -25.28 -38.72
N VAL C 155 23.56 -24.01 -38.45
CA VAL C 155 24.60 -22.95 -38.62
C VAL C 155 24.72 -22.19 -37.29
N SER C 156 25.95 -21.85 -36.88
CA SER C 156 26.15 -21.08 -35.63
C SER C 156 26.89 -19.78 -35.91
N ILE C 157 26.27 -18.63 -35.62
CA ILE C 157 26.96 -17.31 -35.78
C ILE C 157 27.72 -17.08 -34.47
N SER C 158 28.65 -16.11 -34.43
CA SER C 158 29.46 -15.96 -33.20
C SER C 158 30.00 -14.53 -33.03
N CYS C 159 29.52 -13.80 -32.01
CA CYS C 159 30.06 -12.44 -31.73
C CYS C 159 31.12 -12.54 -30.62
N ARG C 160 31.78 -11.43 -30.30
CA ARG C 160 32.80 -11.43 -29.23
C ARG C 160 32.97 -9.98 -28.75
N SER C 161 32.57 -9.69 -27.51
CA SER C 161 32.60 -8.29 -27.02
C SER C 161 33.99 -7.94 -26.46
N SER C 162 34.30 -6.65 -26.35
CA SER C 162 35.56 -6.23 -25.71
C SER C 162 35.41 -6.34 -24.20
N LYS C 163 34.31 -5.79 -23.66
CA LYS C 163 34.03 -5.86 -22.20
C LYS C 163 33.02 -6.97 -21.97
N SER C 164 33.12 -7.67 -20.84
CA SER C 164 32.13 -8.73 -20.52
C SER C 164 30.75 -8.10 -20.38
N LEU C 165 29.75 -8.67 -21.07
CA LEU C 165 28.40 -8.06 -21.08
C LEU C 165 27.59 -8.62 -19.90
N LEU C 166 28.19 -9.49 -19.09
CA LEU C 166 27.49 -10.07 -17.92
C LEU C 166 27.55 -9.08 -16.76
N HIS C 167 26.45 -8.39 -16.49
CA HIS C 167 26.40 -7.46 -15.34
C HIS C 167 26.26 -8.28 -14.07
N SER C 168 26.45 -7.65 -12.90
CA SER C 168 26.32 -8.36 -11.60
C SER C 168 24.89 -8.88 -11.42
N ASN C 169 23.92 -8.24 -12.07
CA ASN C 169 22.49 -8.64 -11.93
C ASN C 169 22.30 -10.07 -12.44
N GLY C 170 23.27 -10.58 -13.20
CA GLY C 170 23.19 -11.97 -13.71
C GLY C 170 22.71 -12.00 -15.15
N ASN C 171 22.36 -10.84 -15.70
CA ASN C 171 21.82 -10.77 -17.08
C ASN C 171 22.94 -10.43 -18.04
N THR C 172 23.18 -11.25 -19.06
CA THR C 172 24.20 -10.90 -20.09
C THR C 172 23.47 -10.09 -21.16
N TYR C 173 23.69 -8.78 -21.21
CA TYR C 173 22.90 -7.91 -22.11
C TYR C 173 23.40 -7.92 -23.56
N LEU C 174 23.27 -9.05 -24.27
CA LEU C 174 23.61 -9.08 -25.72
C LEU C 174 22.36 -9.46 -26.50
N TYR C 175 22.03 -8.71 -27.56
CA TYR C 175 20.82 -8.96 -28.38
C TYR C 175 21.23 -9.46 -29.76
N TRP C 176 20.46 -10.38 -30.36
CA TRP C 176 20.77 -10.93 -31.69
C TRP C 176 19.64 -10.57 -32.65
N PHE C 177 19.94 -9.88 -33.76
CA PHE C 177 18.91 -9.42 -34.71
C PHE C 177 19.21 -9.99 -36.10
N LEU C 178 18.18 -10.40 -36.84
CA LEU C 178 18.38 -10.91 -38.22
C LEU C 178 17.69 -9.98 -39.20
N GLN C 179 18.39 -9.55 -40.24
CA GLN C 179 17.70 -8.73 -41.26
C GLN C 179 17.58 -9.58 -42.53
N ARG C 180 16.35 -9.82 -42.98
CA ARG C 180 16.14 -10.56 -44.25
C ARG C 180 16.53 -9.58 -45.36
N PRO C 181 16.94 -10.01 -46.56
CA PRO C 181 17.38 -9.04 -47.54
C PRO C 181 16.19 -8.12 -47.84
N GLY C 182 16.43 -6.81 -47.92
CA GLY C 182 15.36 -5.84 -48.19
C GLY C 182 14.26 -5.87 -47.12
N GLN C 183 14.61 -6.11 -45.85
CA GLN C 183 13.60 -6.06 -44.76
C GLN C 183 14.20 -5.41 -43.51
N SER C 184 13.36 -4.85 -42.63
CA SER C 184 13.81 -4.26 -41.36
C SER C 184 14.31 -5.35 -40.40
N PRO C 185 15.34 -5.09 -39.56
CA PRO C 185 15.89 -6.12 -38.68
C PRO C 185 14.88 -6.59 -37.64
N GLN C 186 14.85 -7.89 -37.32
CA GLN C 186 13.87 -8.44 -36.34
C GLN C 186 14.62 -9.08 -35.17
N LEU C 187 14.26 -8.76 -33.92
CA LEU C 187 15.06 -9.32 -32.81
C LEU C 187 14.83 -10.82 -32.77
N LEU C 188 15.89 -11.62 -32.68
CA LEU C 188 15.72 -13.08 -32.50
C LEU C 188 15.92 -13.45 -31.03
N ILE C 189 16.90 -12.83 -30.35
CA ILE C 189 17.24 -13.20 -28.94
C ILE C 189 17.41 -11.94 -28.09
N TYR C 190 16.96 -11.97 -26.83
CA TYR C 190 17.17 -10.82 -25.90
C TYR C 190 17.95 -11.30 -24.66
N ARG C 191 18.99 -10.58 -24.27
CA ARG C 191 19.85 -10.97 -23.12
C ARG C 191 20.49 -12.33 -23.47
N MET C 192 20.72 -12.58 -24.75
CA MET C 192 21.45 -13.77 -25.25
C MET C 192 20.67 -15.09 -25.12
N SER C 193 20.31 -15.52 -23.91
CA SER C 193 19.50 -16.76 -23.71
C SER C 193 18.06 -16.65 -24.24
N ASN C 194 17.40 -15.51 -24.03
CA ASN C 194 15.94 -15.39 -24.32
C ASN C 194 15.63 -15.39 -25.82
N LEU C 195 14.45 -15.91 -26.20
CA LEU C 195 14.03 -15.93 -27.62
C LEU C 195 12.78 -15.05 -27.78
N ALA C 196 12.78 -14.13 -28.75
CA ALA C 196 11.67 -13.17 -28.94
C ALA C 196 10.40 -13.87 -29.43
N SER C 197 9.23 -13.33 -29.05
CA SER C 197 7.93 -13.89 -29.48
C SER C 197 7.78 -13.78 -30.99
N GLY C 198 7.19 -14.79 -31.65
CA GLY C 198 7.06 -14.78 -33.11
C GLY C 198 8.35 -15.25 -33.75
N VAL C 199 9.28 -15.76 -32.93
CA VAL C 199 10.61 -16.19 -33.46
C VAL C 199 10.66 -17.70 -33.37
N PRO C 200 11.12 -18.40 -34.43
CA PRO C 200 11.09 -19.85 -34.47
C PRO C 200 11.98 -20.47 -33.39
N ASP C 201 11.60 -21.62 -32.87
CA ASP C 201 12.32 -22.30 -31.75
C ASP C 201 13.74 -22.63 -32.19
N ARG C 202 13.96 -22.98 -33.45
CA ARG C 202 15.29 -23.47 -33.89
C ARG C 202 16.37 -22.42 -33.63
N PHE C 203 16.10 -21.13 -33.86
CA PHE C 203 17.18 -20.17 -33.51
C PHE C 203 17.40 -20.29 -32.00
N SER C 204 18.67 -20.32 -31.56
CA SER C 204 18.99 -20.47 -30.11
C SER C 204 20.19 -19.59 -29.75
N GLY C 205 20.29 -19.15 -28.50
CA GLY C 205 21.46 -18.38 -28.07
C GLY C 205 22.23 -19.06 -26.96
N SER C 206 23.55 -19.22 -27.14
CA SER C 206 24.43 -19.82 -26.10
C SER C 206 25.46 -18.76 -25.77
N GLY C 207 25.72 -18.48 -24.50
CA GLY C 207 26.60 -17.35 -24.23
C GLY C 207 27.66 -17.47 -23.17
N SER C 208 28.72 -16.68 -23.29
CA SER C 208 29.79 -16.56 -22.28
C SER C 208 29.93 -15.05 -22.18
N GLY C 209 30.46 -14.49 -21.11
CA GLY C 209 30.42 -13.01 -21.04
C GLY C 209 31.19 -12.34 -22.16
N THR C 210 32.38 -12.81 -22.53
CA THR C 210 33.07 -12.23 -23.73
C THR C 210 32.83 -13.01 -25.04
N ALA C 211 32.21 -14.19 -25.00
CA ALA C 211 31.92 -14.89 -26.28
C ALA C 211 30.43 -15.22 -26.40
N PHE C 212 29.80 -14.86 -27.53
CA PHE C 212 28.35 -15.12 -27.73
C PHE C 212 28.12 -15.89 -29.03
N THR C 213 27.31 -16.95 -29.01
CA THR C 213 27.05 -17.78 -30.22
C THR C 213 25.55 -17.89 -30.51
N LEU C 214 25.13 -17.72 -31.77
CA LEU C 214 23.70 -17.93 -32.13
C LEU C 214 23.64 -19.13 -33.06
N THR C 215 22.79 -20.11 -32.75
CA THR C 215 22.73 -21.36 -33.56
C THR C 215 21.33 -21.57 -34.14
N ILE C 216 21.22 -21.87 -35.44
CA ILE C 216 19.89 -22.21 -35.99
C ILE C 216 19.89 -23.72 -36.27
N SER C 217 18.98 -24.47 -35.64
CA SER C 217 19.00 -25.95 -35.78
C SER C 217 18.74 -26.40 -37.23
N ARG C 218 17.78 -25.76 -37.90
CA ARG C 218 17.48 -26.10 -39.31
C ARG C 218 17.57 -24.85 -40.17
N LEU C 219 18.33 -24.89 -41.26
CA LEU C 219 18.35 -23.72 -42.19
C LEU C 219 17.01 -23.62 -42.92
N GLU C 220 16.57 -22.40 -43.23
CA GLU C 220 15.33 -22.19 -44.01
C GLU C 220 15.61 -21.10 -45.05
N ALA C 221 14.85 -21.04 -46.14
CA ALA C 221 15.03 -19.95 -47.13
C ALA C 221 14.74 -18.62 -46.44
N GLU C 222 13.72 -18.57 -45.59
CA GLU C 222 13.37 -17.35 -44.81
C GLU C 222 14.54 -16.99 -43.90
N ASP C 223 15.21 -17.99 -43.32
CA ASP C 223 16.31 -17.76 -42.33
C ASP C 223 17.47 -16.99 -42.96
N VAL C 224 17.81 -17.23 -44.23
CA VAL C 224 19.04 -16.58 -44.78
C VAL C 224 18.88 -15.07 -44.69
N GLY C 225 19.95 -14.37 -44.29
CA GLY C 225 19.89 -12.92 -44.05
C GLY C 225 21.21 -12.47 -43.42
N VAL C 226 21.29 -11.23 -42.94
CA VAL C 226 22.52 -10.80 -42.23
C VAL C 226 22.18 -10.73 -40.74
N TYR C 227 23.01 -11.34 -39.88
CA TYR C 227 22.67 -11.42 -38.43
C TYR C 227 23.55 -10.44 -37.66
N TYR C 228 22.94 -9.58 -36.85
CA TYR C 228 23.69 -8.51 -36.14
C TYR C 228 23.53 -8.68 -34.63
N CYS C 229 24.62 -8.55 -33.88
CA CYS C 229 24.60 -8.72 -32.41
C CYS C 229 24.89 -7.38 -31.74
N MET C 230 24.12 -7.01 -30.72
CA MET C 230 24.28 -5.67 -30.11
C MET C 230 24.42 -5.81 -28.60
N GLN C 231 25.08 -4.86 -27.96
CA GLN C 231 25.21 -4.88 -26.48
C GLN C 231 24.40 -3.73 -25.91
N HIS C 232 23.45 -3.99 -25.00
CA HIS C 232 22.72 -2.88 -24.35
C HIS C 232 23.36 -2.42 -23.03
N LEU C 233 24.51 -2.99 -22.66
CA LEU C 233 25.13 -2.70 -21.34
C LEU C 233 25.68 -1.32 -20.94
N GLU C 234 26.41 -0.70 -21.86
CA GLU C 234 26.86 0.68 -21.62
C GLU C 234 26.03 1.55 -22.57
N TYR C 235 26.05 2.87 -22.41
CA TYR C 235 25.17 3.77 -23.19
C TYR C 235 25.41 3.76 -24.70
N PRO C 236 26.65 3.73 -25.25
CA PRO C 236 26.86 3.85 -26.70
C PRO C 236 26.33 2.72 -27.61
N LEU C 237 25.63 1.71 -27.07
CA LEU C 237 25.00 0.63 -27.91
C LEU C 237 25.39 -0.16 -29.15
N THR C 238 26.69 -0.40 -29.35
CA THR C 238 27.18 -1.08 -30.58
C THR C 238 26.70 -2.35 -31.25
N PHE C 239 26.71 -2.40 -32.57
CA PHE C 239 26.22 -3.57 -33.34
C PHE C 239 27.39 -4.19 -34.12
N GLY C 240 27.55 -5.50 -34.04
CA GLY C 240 28.60 -6.19 -34.79
C GLY C 240 28.38 -6.10 -36.30
N ALA C 241 29.47 -6.00 -37.07
CA ALA C 241 29.37 -5.87 -38.54
C ALA C 241 28.38 -6.87 -39.14
N GLY C 242 28.15 -8.02 -38.52
CA GLY C 242 27.11 -8.93 -39.05
C GLY C 242 27.64 -10.04 -39.94
N THR C 243 26.85 -11.11 -40.11
CA THR C 243 27.33 -12.30 -40.86
C THR C 243 26.31 -12.73 -41.91
N LYS C 244 26.54 -12.33 -43.17
CA LYS C 244 25.54 -12.65 -44.22
C LYS C 244 25.55 -14.16 -44.46
N LEU C 245 24.37 -14.74 -44.54
CA LEU C 245 24.21 -16.18 -44.78
C LEU C 245 23.85 -16.38 -46.24
N GLU C 246 24.71 -17.10 -46.96
CA GLU C 246 24.48 -17.40 -48.37
C GLU C 246 23.86 -18.78 -48.53
N LEU C 247 22.81 -18.84 -49.33
CA LEU C 247 22.11 -20.10 -49.57
C LEU C 247 22.92 -21.01 -50.48
N ASP D 49 27.15 31.88 42.44
CA ASP D 49 26.18 32.62 43.24
C ASP D 49 24.83 31.91 43.24
N TRP D 50 23.88 32.49 43.97
CA TRP D 50 22.54 31.91 44.05
C TRP D 50 21.86 31.92 42.69
N LYS D 51 21.95 33.04 41.97
CA LYS D 51 21.32 33.13 40.66
C LYS D 51 21.96 32.16 39.66
N SER D 52 23.29 32.09 39.66
CA SER D 52 23.97 31.15 38.77
C SER D 52 23.62 29.71 39.11
N SER D 53 23.57 29.39 40.41
CA SER D 53 23.21 28.04 40.81
C SER D 53 21.79 27.68 40.38
N LEU D 54 20.85 28.62 40.55
CA LEU D 54 19.47 28.37 40.12
C LEU D 54 19.39 28.21 38.61
N ILE D 55 20.13 29.03 37.86
CA ILE D 55 20.14 28.90 36.40
C ILE D 55 20.70 27.55 35.98
N LEU D 56 21.79 27.12 36.61
CA LEU D 56 22.36 25.82 36.29
C LEU D 56 21.40 24.68 36.62
N MET D 57 20.74 24.76 37.77
CA MET D 57 19.77 23.73 38.14
C MET D 57 18.62 23.67 37.15
N ALA D 58 18.11 24.83 36.74
CA ALA D 58 17.04 24.86 35.76
C ALA D 58 17.51 24.28 34.43
N TYR D 59 18.73 24.61 34.02
CA TYR D 59 19.26 24.10 32.75
C TYR D 59 19.39 22.58 32.78
N ILE D 60 19.94 22.03 33.86
CA ILE D 60 20.14 20.58 33.91
C ILE D 60 18.80 19.87 34.01
N ILE D 61 17.85 20.43 34.77
CA ILE D 61 16.52 19.84 34.85
C ILE D 61 15.85 19.84 33.48
N ILE D 62 15.96 20.96 32.76
CA ILE D 62 15.35 21.06 31.44
C ILE D 62 15.97 20.04 30.49
N PHE D 63 17.30 19.93 30.51
CA PHE D 63 17.98 18.98 29.62
C PHE D 63 17.58 17.55 29.93
N LEU D 64 17.55 17.19 31.21
CA LEU D 64 17.20 15.82 31.58
C LEU D 64 15.74 15.51 31.26
N THR D 65 14.84 16.48 31.45
CA THR D 65 13.44 16.26 31.13
C THR D 65 13.18 16.25 29.63
N GLY D 66 14.03 16.91 28.85
CA GLY D 66 13.77 17.05 27.43
C GLY D 66 14.42 16.01 26.54
N LEU D 67 15.71 15.70 26.76
CA LEU D 67 16.43 14.86 25.82
C LEU D 67 15.78 13.50 25.60
N PRO D 68 15.39 12.73 26.63
CA PRO D 68 14.69 11.47 26.33
C PRO D 68 13.32 11.68 25.73
N ALA D 69 12.55 12.63 26.26
CA ALA D 69 11.23 12.92 25.71
C ALA D 69 11.32 13.40 24.27
N ASN D 70 12.27 14.29 23.99
CA ASN D 70 12.44 14.77 22.61
C ASN D 70 12.90 13.66 21.69
N LEU D 71 13.76 12.76 22.17
CA LEU D 71 14.19 11.64 21.34
C LEU D 71 13.03 10.72 21.01
N LEU D 72 12.19 10.41 22.01
CA LEU D 72 11.02 9.58 21.76
C LEU D 72 10.05 10.25 20.79
N ALA D 73 9.83 11.56 20.97
CA ALA D 73 8.95 12.29 20.06
C ALA D 73 9.52 12.30 18.64
N LEU D 74 10.84 12.47 18.52
CA LEU D 74 11.48 12.46 17.21
C LEU D 74 11.31 11.10 16.53
N ARG D 75 11.50 10.01 17.28
CA ARG D 75 11.31 8.69 16.71
C ARG D 75 9.86 8.50 16.25
N ALA D 76 8.91 8.90 17.09
CA ALA D 76 7.50 8.73 16.74
C ALA D 76 7.13 9.56 15.51
N PHE D 77 7.62 10.80 15.44
CA PHE D 77 7.28 11.66 14.30
C PHE D 77 7.96 11.20 13.03
N VAL D 78 9.19 10.65 13.12
CA VAL D 78 9.82 10.07 11.94
C VAL D 78 9.02 8.87 11.46
N GLY D 79 8.56 8.03 12.39
CA GLY D 79 7.71 6.91 12.00
C GLY D 79 6.42 7.37 11.34
N ARG D 80 5.81 8.43 11.86
CA ARG D 80 4.60 8.97 11.25
C ARG D 80 4.89 9.53 9.86
N ILE D 81 6.03 10.18 9.68
CA ILE D 81 6.40 10.72 8.37
C ILE D 81 6.58 9.59 7.37
N ARG D 82 7.25 8.50 7.78
CA ARG D 82 7.42 7.37 6.89
C ARG D 82 6.10 6.69 6.53
N GLN D 83 5.06 6.89 7.33
CA GLN D 83 3.76 6.36 7.03
C GLN D 83 3.14 7.11 5.85
N PRO D 84 2.24 6.47 5.10
CA PRO D 84 1.70 7.12 3.89
C PRO D 84 0.89 8.36 4.22
N GLN D 85 0.96 9.33 3.29
CA GLN D 85 0.22 10.59 3.34
C GLN D 85 0.38 11.31 4.67
N PRO D 86 1.55 11.84 4.98
CA PRO D 86 1.70 12.62 6.21
C PRO D 86 1.01 13.98 6.09
N ALA D 87 0.51 14.47 7.20
CA ALA D 87 -0.12 15.78 7.25
C ALA D 87 0.95 16.87 7.39
N PRO D 88 0.64 18.10 6.99
CA PRO D 88 1.60 19.20 7.19
C PRO D 88 1.97 19.40 8.64
N VAL D 89 1.01 19.21 9.55
CA VAL D 89 1.29 19.37 10.97
C VAL D 89 2.30 18.35 11.44
N HIS D 90 2.32 17.16 10.83
CA HIS D 90 3.31 16.15 11.21
C HIS D 90 4.71 16.58 10.82
N ILE D 91 4.87 17.15 9.63
CA ILE D 91 6.18 17.65 9.23
C ILE D 91 6.61 18.83 10.10
N LEU D 92 5.66 19.71 10.44
CA LEU D 92 5.98 20.82 11.32
C LEU D 92 6.40 20.32 12.70
N LEU D 93 5.74 19.28 13.21
CA LEU D 93 6.11 18.70 14.50
C LEU D 93 7.48 18.03 14.43
N LEU D 94 7.78 17.35 13.33
CA LEU D 94 9.10 16.76 13.15
C LEU D 94 10.18 17.84 13.15
N SER D 95 9.94 18.94 12.43
CA SER D 95 10.90 20.04 12.41
C SER D 95 11.04 20.68 13.79
N LEU D 96 9.93 20.81 14.52
CA LEU D 96 9.98 21.37 15.87
C LEU D 96 10.81 20.48 16.79
N THR D 97 10.63 19.16 16.69
CA THR D 97 11.42 18.25 17.51
C THR D 97 12.90 18.30 17.12
N LEU D 98 13.19 18.43 15.83
CA LEU D 98 14.58 18.58 15.41
C LEU D 98 15.20 19.85 15.97
N ALA D 99 14.46 20.96 15.92
CA ALA D 99 14.97 22.22 16.48
C ALA D 99 15.16 22.12 17.98
N ASP D 100 14.22 21.49 18.66
CA ASP D 100 14.32 21.32 20.14
C ASP D 100 15.56 20.47 20.45
N LEU D 101 15.77 19.38 19.70
CA LEU D 101 16.94 18.53 19.93
C LEU D 101 18.23 19.30 19.68
N LEU D 102 18.26 20.11 18.61
CA LEU D 102 19.44 20.92 18.33
C LEU D 102 19.71 21.90 19.46
N LEU D 103 18.67 22.50 20.02
CA LEU D 103 18.84 23.37 21.18
C LEU D 103 19.36 22.60 22.37
N LEU D 104 18.83 21.40 22.61
CA LEU D 104 19.21 20.61 23.78
C LEU D 104 20.66 20.12 23.68
N LEU D 105 21.15 19.85 22.47
CA LEU D 105 22.53 19.41 22.33
C LEU D 105 23.51 20.49 22.74
N LEU D 106 23.17 21.75 22.54
CA LEU D 106 24.02 22.87 22.94
C LEU D 106 23.71 23.35 24.35
N LEU D 107 22.73 22.76 25.03
CA LEU D 107 22.49 23.09 26.42
C LEU D 107 23.69 22.82 27.34
N PRO D 108 24.46 21.75 27.18
CA PRO D 108 25.65 21.60 28.03
C PRO D 108 26.61 22.78 27.94
N PHE D 109 26.73 23.41 26.78
CA PHE D 109 27.59 24.59 26.67
C PHE D 109 27.07 25.73 27.54
N LYS D 110 25.74 25.90 27.56
CA LYS D 110 25.15 26.96 28.42
C LYS D 110 25.29 26.56 29.89
N ILE D 111 25.31 25.25 30.18
CA ILE D 111 25.51 24.78 31.56
C ILE D 111 26.92 25.10 32.03
N ILE D 112 27.93 24.81 31.20
CA ILE D 112 29.31 25.09 31.57
C ILE D 112 29.57 26.59 31.60
N GLU D 113 28.88 27.37 30.75
CA GLU D 113 29.00 28.81 30.82
C GLU D 113 28.47 29.34 32.15
N ALA D 114 27.33 28.82 32.61
CA ALA D 114 26.79 29.23 33.90
C ALA D 114 27.69 28.78 35.04
N ALA D 115 28.25 27.57 34.94
CA ALA D 115 29.14 27.07 35.99
C ALA D 115 30.41 27.91 36.09
N SER D 116 31.01 28.26 34.95
CA SER D 116 32.23 29.04 34.94
C SER D 116 32.00 30.53 35.16
N ASN D 117 30.73 30.96 35.16
CA ASN D 117 30.39 32.40 35.37
C ASN D 117 31.07 33.25 34.29
N PHE D 118 31.18 32.71 33.07
CA PHE D 118 31.85 33.43 31.94
C PHE D 118 33.35 33.60 32.26
N ARG D 119 33.77 33.30 33.49
CA ARG D 119 35.18 33.46 33.89
C ARG D 119 36.11 32.54 33.08
N TRP D 120 35.68 31.30 32.85
CA TRP D 120 36.53 30.28 32.17
C TRP D 120 35.75 29.63 31.02
N TYR D 121 36.04 30.00 29.78
CA TYR D 121 35.24 29.49 28.64
C TYR D 121 36.13 28.98 27.50
N LEU D 122 35.60 28.07 26.67
CA LEU D 122 36.36 27.52 25.52
C LEU D 122 36.62 28.62 24.49
N PRO D 123 37.40 28.36 23.42
CA PRO D 123 37.78 29.39 22.45
C PRO D 123 36.58 30.08 21.82
N LYS D 124 36.88 31.17 21.11
CA LYS D 124 35.81 32.02 20.56
C LYS D 124 34.99 31.30 19.51
N VAL D 125 35.59 30.37 18.75
CA VAL D 125 34.86 29.67 17.71
C VAL D 125 33.73 28.85 18.31
N VAL D 126 34.03 28.12 19.39
CA VAL D 126 33.01 27.27 20.02
C VAL D 126 31.88 28.12 20.59
N CYS D 127 32.22 29.21 21.26
CA CYS D 127 31.20 30.08 21.82
C CYS D 127 30.33 30.69 20.73
N ALA D 128 30.96 31.19 19.67
CA ALA D 128 30.21 31.80 18.58
C ALA D 128 29.32 30.80 17.85
N LEU D 129 29.76 29.54 17.72
CA LEU D 129 28.91 28.53 17.10
C LEU D 129 27.75 28.13 18.01
N THR D 130 28.03 27.91 19.30
CA THR D 130 27.01 27.42 20.20
C THR D 130 25.94 28.47 20.48
N SER D 131 26.35 29.72 20.71
CA SER D 131 25.36 30.78 20.93
C SER D 131 24.50 30.99 19.69
N PHE D 132 25.13 30.97 18.52
CA PHE D 132 24.37 31.11 17.28
C PHE D 132 23.37 29.98 17.12
N GLY D 133 23.80 28.74 17.38
CA GLY D 133 22.88 27.61 17.26
C GLY D 133 21.73 27.69 18.26
N PHE D 134 22.03 28.04 19.50
CA PHE D 134 21.00 28.16 20.53
C PHE D 134 19.98 29.23 20.17
N TYR D 135 20.46 30.43 19.83
CA TYR D 135 19.57 31.55 19.55
C TYR D 135 18.84 31.39 18.22
N SER D 136 19.39 30.60 17.29
CA SER D 136 18.66 30.30 16.07
C SER D 136 17.62 29.21 16.27
N SER D 137 17.92 28.22 17.11
CA SER D 137 16.94 27.18 17.40
C SER D 137 15.76 27.74 18.18
N ILE D 138 16.00 28.74 19.05
CA ILE D 138 14.90 29.38 19.76
C ILE D 138 13.89 29.95 18.77
N TYR D 139 14.37 30.73 17.80
CA TYR D 139 13.46 31.37 16.85
C TYR D 139 12.89 30.37 15.85
N CYS D 140 13.66 29.32 15.51
CA CYS D 140 13.11 28.26 14.67
C CYS D 140 11.95 27.57 15.37
N SER D 141 12.09 27.29 16.67
CA SER D 141 10.98 26.70 17.43
C SER D 141 9.81 27.67 17.50
N THR D 142 10.07 28.96 17.67
CA THR D 142 9.00 29.94 17.72
C THR D 142 8.20 29.94 16.41
N TRP D 143 8.89 30.00 15.28
CA TRP D 143 8.21 30.01 13.99
C TRP D 143 7.52 28.68 13.68
N LEU D 144 8.10 27.56 14.10
CA LEU D 144 7.44 26.27 13.90
C LEU D 144 6.19 26.14 14.76
N LEU D 145 6.21 26.67 15.99
CA LEU D 145 4.99 26.72 16.79
C LEU D 145 3.94 27.60 16.13
N ALA D 146 4.39 28.73 15.54
CA ALA D 146 3.46 29.57 14.79
C ALA D 146 2.84 28.83 13.62
N GLY D 147 3.61 28.01 12.91
CA GLY D 147 3.09 27.21 11.82
C GLY D 147 2.13 26.12 12.27
N ILE D 148 2.45 25.47 13.39
CA ILE D 148 1.55 24.47 13.95
C ILE D 148 0.23 25.11 14.38
N SER D 149 0.29 26.33 14.91
CA SER D 149 -0.95 27.03 15.26
C SER D 149 -1.80 27.29 14.02
N ILE D 150 -1.16 27.68 12.92
CA ILE D 150 -1.90 27.91 11.67
C ILE D 150 -2.53 26.62 11.18
N GLU D 151 -1.78 25.51 11.23
CA GLU D 151 -2.33 24.23 10.81
C GLU D 151 -3.50 23.80 11.69
N ARG D 152 -3.39 23.98 13.00
CA ARG D 152 -4.49 23.65 13.90
C ARG D 152 -5.72 24.50 13.65
N TYR D 153 -5.54 25.79 13.38
CA TYR D 153 -6.69 26.64 13.06
C TYR D 153 -7.33 26.22 11.73
N LEU D 154 -6.50 25.89 10.73
CA LEU D 154 -7.04 25.49 9.43
C LEU D 154 -7.82 24.18 9.54
N GLY D 155 -7.31 23.23 10.33
CA GLY D 155 -7.98 21.95 10.44
C GLY D 155 -9.23 21.94 11.28
N VAL D 156 -9.61 23.09 11.85
CA VAL D 156 -10.81 23.21 12.65
C VAL D 156 -11.81 24.18 12.03
N ALA D 157 -11.32 25.33 11.53
CA ALA D 157 -12.21 26.27 10.85
C ALA D 157 -12.75 25.68 9.55
N PHE D 158 -11.91 24.95 8.81
CA PHE D 158 -12.29 24.34 7.54
C PHE D 158 -11.92 22.87 7.60
N PRO D 159 -12.76 22.04 8.24
CA PRO D 159 -12.41 20.63 8.42
C PRO D 159 -12.35 19.85 7.13
N VAL D 160 -13.42 19.92 6.33
CA VAL D 160 -13.48 19.13 5.09
C VAL D 160 -12.39 19.58 4.12
N GLN D 161 -12.22 20.89 3.95
CA GLN D 161 -11.18 21.39 3.05
C GLN D 161 -9.80 20.98 3.53
N TYR D 162 -9.56 21.05 4.84
CA TYR D 162 -8.27 20.63 5.38
C TYR D 162 -8.02 19.15 5.10
N LYS D 163 -9.03 18.30 5.29
CA LYS D 163 -8.84 16.88 5.06
C LYS D 163 -8.62 16.56 3.59
N LEU D 164 -9.29 17.29 2.69
CA LEU D 164 -9.20 16.97 1.28
C LEU D 164 -7.94 17.54 0.62
N SER D 165 -7.70 18.84 0.81
CA SER D 165 -6.71 19.56 0.04
C SER D 165 -5.32 19.59 0.67
N ARG D 166 -5.14 19.03 1.87
CA ARG D 166 -3.84 19.11 2.51
C ARG D 166 -2.82 18.24 1.78
N ARG D 167 -1.58 18.73 1.76
CA ARG D 167 -0.45 18.01 1.19
C ARG D 167 0.76 18.20 2.08
N PRO D 168 1.66 17.22 2.11
CA PRO D 168 2.90 17.38 2.89
C PRO D 168 3.77 18.53 2.39
N LEU D 169 3.58 18.97 1.15
CA LEU D 169 4.38 20.07 0.62
C LEU D 169 4.14 21.35 1.41
N TYR D 170 2.91 21.58 1.87
CA TYR D 170 2.63 22.77 2.66
C TYR D 170 3.42 22.76 3.97
N GLY D 171 3.47 21.61 4.65
CA GLY D 171 4.25 21.52 5.86
C GLY D 171 5.74 21.66 5.60
N VAL D 172 6.22 21.10 4.48
CA VAL D 172 7.63 21.25 4.13
C VAL D 172 7.97 22.72 3.89
N ILE D 173 7.09 23.43 3.18
CA ILE D 173 7.34 24.85 2.91
C ILE D 173 7.29 25.65 4.20
N ALA D 174 6.36 25.33 5.10
CA ALA D 174 6.30 26.04 6.38
C ALA D 174 7.58 25.81 7.19
N ALA D 175 8.06 24.56 7.23
CA ALA D 175 9.29 24.27 7.95
C ALA D 175 10.47 25.01 7.33
N LEU D 176 10.54 25.05 6.00
CA LEU D 176 11.61 25.76 5.33
C LEU D 176 11.55 27.26 5.61
N VAL D 177 10.34 27.83 5.65
CA VAL D 177 10.18 29.25 5.95
C VAL D 177 10.66 29.53 7.37
N ALA D 178 10.28 28.69 8.32
CA ALA D 178 10.74 28.86 9.70
C ALA D 178 12.25 28.77 9.79
N TRP D 179 12.83 27.75 9.16
CA TRP D 179 14.27 27.55 9.19
C TRP D 179 15.00 28.74 8.57
N VAL D 180 14.50 29.24 7.45
CA VAL D 180 15.11 30.41 6.82
C VAL D 180 15.03 31.60 7.75
N MET D 181 13.81 31.92 8.22
CA MET D 181 13.62 33.13 9.01
C MET D 181 14.45 33.13 10.28
N SER D 182 14.75 31.95 10.83
CA SER D 182 15.61 31.91 12.01
C SER D 182 17.09 31.85 11.65
N PHE D 183 17.50 30.80 10.94
CA PHE D 183 18.91 30.55 10.70
C PHE D 183 19.53 31.60 9.79
N GLY D 184 18.84 32.01 8.72
CA GLY D 184 19.39 33.03 7.85
C GLY D 184 19.55 34.36 8.55
N HIS D 185 18.58 34.74 9.39
CA HIS D 185 18.71 35.98 10.16
C HIS D 185 19.90 35.91 11.10
N CYS D 186 20.04 34.78 11.81
CA CYS D 186 21.19 34.65 12.72
C CYS D 186 22.50 34.62 11.96
N THR D 187 22.52 34.01 10.78
CA THR D 187 23.74 33.98 9.96
C THR D 187 24.10 35.37 9.47
N ILE D 188 23.10 36.17 9.07
CA ILE D 188 23.37 37.55 8.66
C ILE D 188 23.93 38.34 9.84
N VAL D 189 23.35 38.16 11.03
CA VAL D 189 23.83 38.87 12.20
C VAL D 189 25.28 38.48 12.51
N ILE D 190 25.58 37.18 12.47
CA ILE D 190 26.94 36.74 12.79
C ILE D 190 27.93 37.17 11.70
N ILE D 191 27.46 37.30 10.46
CA ILE D 191 28.33 37.75 9.38
C ILE D 191 28.67 39.24 9.56
N VAL D 192 27.66 40.04 9.88
CA VAL D 192 27.91 41.46 10.15
C VAL D 192 28.79 41.62 11.38
N GLN D 193 28.65 40.71 12.36
CA GLN D 193 29.51 40.74 13.54
C GLN D 193 30.97 40.54 13.15
N TYR D 194 31.23 39.54 12.30
CA TYR D 194 32.64 39.21 11.92
C TYR D 194 33.17 40.26 10.94
N LEU D 195 32.32 40.72 10.01
CA LEU D 195 32.75 41.76 9.06
C LEU D 195 32.57 43.12 9.74
N THR D 208 33.22 36.19 27.66
CA THR D 208 31.95 36.09 28.44
C THR D 208 30.89 35.40 27.58
N CYS D 209 31.22 35.13 26.31
CA CYS D 209 30.27 34.46 25.41
C CYS D 209 29.03 35.33 25.17
N TYR D 210 29.29 36.48 24.56
CA TYR D 210 28.24 37.45 24.18
C TYR D 210 27.43 37.88 25.41
N GLU D 211 28.14 38.20 26.48
CA GLU D 211 27.51 38.70 27.70
C GLU D 211 27.81 40.16 27.97
N ASN D 212 29.04 40.58 27.67
CA ASN D 212 29.47 41.98 27.92
C ASN D 212 29.68 42.67 26.58
N PHE D 213 28.99 43.78 26.35
CA PHE D 213 29.10 44.54 25.11
C PHE D 213 29.53 45.97 25.41
N THR D 214 30.48 46.47 24.64
CA THR D 214 30.95 47.83 24.80
C THR D 214 29.93 48.84 24.26
N ASP D 215 30.19 50.11 24.53
CA ASP D 215 29.28 51.16 24.08
C ASP D 215 29.23 51.24 22.56
N ASN D 216 30.38 51.03 21.91
CA ASN D 216 30.44 51.05 20.43
C ASN D 216 29.56 49.92 19.88
N GLN D 217 29.68 48.72 20.44
CA GLN D 217 28.90 47.56 19.95
C GLN D 217 27.42 47.72 20.33
N LEU D 218 27.14 48.42 21.44
CA LEU D 218 25.75 48.53 21.90
C LEU D 218 24.86 49.14 20.83
N ASP D 219 25.35 50.19 20.16
CA ASP D 219 24.56 50.88 19.14
C ASP D 219 24.25 49.99 17.95
N VAL D 220 24.94 48.87 17.81
CA VAL D 220 24.64 47.89 16.77
C VAL D 220 23.81 46.73 17.31
N VAL D 221 24.12 46.25 18.52
CA VAL D 221 23.42 45.08 19.03
C VAL D 221 21.99 45.41 19.40
N LEU D 222 21.74 46.61 19.96
CA LEU D 222 20.38 46.93 20.41
C LEU D 222 19.39 47.04 19.25
N PRO D 223 19.67 47.79 18.17
CA PRO D 223 18.72 47.78 17.04
C PRO D 223 18.53 46.41 16.41
N VAL D 224 19.59 45.59 16.36
CA VAL D 224 19.44 44.25 15.83
C VAL D 224 18.55 43.41 16.74
N ARG D 225 18.65 43.63 18.05
CA ARG D 225 17.78 42.93 18.95
C ARG D 225 16.35 43.40 18.72
N LEU D 226 16.13 44.70 18.55
CA LEU D 226 14.80 45.20 18.26
C LEU D 226 14.21 44.54 17.02
N GLU D 227 15.03 44.40 15.96
CA GLU D 227 14.56 43.75 14.75
C GLU D 227 14.24 42.29 14.99
N LEU D 228 15.14 41.57 15.67
CA LEU D 228 14.95 40.16 15.95
C LEU D 228 13.76 39.93 16.88
N CYS D 229 13.33 40.93 17.62
CA CYS D 229 12.07 40.82 18.35
C CYS D 229 10.90 41.10 17.42
N LEU D 230 10.83 42.32 16.88
CA LEU D 230 9.64 42.77 16.16
C LEU D 230 9.34 41.96 14.91
N VAL D 231 10.33 41.26 14.34
CA VAL D 231 10.10 40.50 13.12
C VAL D 231 10.12 39.00 13.36
N LEU D 232 10.82 38.51 14.39
CA LEU D 232 10.94 37.08 14.61
C LEU D 232 10.05 36.56 15.73
N PHE D 233 9.47 37.42 16.56
CA PHE D 233 8.57 36.99 17.61
C PHE D 233 7.19 37.61 17.48
N PHE D 234 7.10 38.93 17.27
CA PHE D 234 5.81 39.59 17.27
C PHE D 234 4.91 39.12 16.14
N ILE D 235 5.49 38.68 15.03
CA ILE D 235 4.70 38.11 13.94
C ILE D 235 4.29 36.69 14.31
N PRO D 236 5.21 35.78 14.68
CA PRO D 236 4.76 34.47 15.15
C PRO D 236 3.85 34.53 16.36
N MET D 237 4.12 35.44 17.30
CA MET D 237 3.23 35.57 18.45
C MET D 237 1.84 36.01 18.03
N ALA D 238 1.75 36.97 17.11
CA ALA D 238 0.45 37.45 16.66
C ALA D 238 -0.31 36.34 15.95
N VAL D 239 0.35 35.61 15.06
CA VAL D 239 -0.36 34.57 14.31
C VAL D 239 -0.76 33.42 15.23
N THR D 240 0.10 33.07 16.20
CA THR D 240 -0.26 32.02 17.16
C THR D 240 -1.43 32.44 18.02
N ILE D 241 -1.43 33.69 18.51
CA ILE D 241 -2.52 34.16 19.34
C ILE D 241 -3.82 34.16 18.56
N PHE D 242 -3.79 34.67 17.33
CA PHE D 242 -5.01 34.71 16.52
C PHE D 242 -5.50 33.30 16.22
N CYS D 243 -4.60 32.41 15.81
CA CYS D 243 -5.00 31.06 15.44
C CYS D 243 -5.57 30.30 16.63
N TYR D 244 -4.95 30.42 17.80
CA TYR D 244 -5.45 29.68 18.95
C TYR D 244 -6.72 30.31 19.53
N TRP D 245 -6.86 31.64 19.46
CA TRP D 245 -8.11 32.27 19.87
C TRP D 245 -9.26 31.82 18.97
N ARG D 246 -9.04 31.80 17.66
CA ARG D 246 -10.07 31.32 16.74
C ARG D 246 -10.34 29.83 16.95
N PHE D 247 -9.30 29.03 17.20
CA PHE D 247 -9.48 27.62 17.49
C PHE D 247 -10.39 27.43 18.69
N VAL D 248 -10.09 28.12 19.79
CA VAL D 248 -10.87 27.97 21.02
C VAL D 248 -12.31 28.42 20.79
N TRP D 249 -12.51 29.56 20.13
CA TRP D 249 -13.87 30.05 19.95
C TRP D 249 -14.69 29.15 19.03
N ILE D 250 -14.08 28.68 17.93
CA ILE D 250 -14.79 27.77 17.02
C ILE D 250 -15.12 26.47 17.74
N MET D 251 -14.18 25.93 18.51
CA MET D 251 -14.42 24.69 19.23
C MET D 251 -15.53 24.85 20.27
N LEU D 252 -15.55 25.97 20.98
CA LEU D 252 -16.64 26.21 21.93
C LEU D 252 -17.97 26.39 21.22
N SER D 253 -17.96 26.95 20.01
CA SER D 253 -19.19 27.12 19.26
C SER D 253 -19.70 25.81 18.66
N GLN D 254 -18.87 24.76 18.68
CA GLN D 254 -19.25 23.46 18.06
C GLN D 254 -20.16 22.68 19.01
N PRO D 255 -21.40 22.33 18.60
CA PRO D 255 -22.26 21.49 19.43
C PRO D 255 -21.96 20.02 19.14
N LEU D 256 -20.82 19.53 19.63
CA LEU D 256 -20.44 18.11 19.41
C LEU D 256 -21.65 17.23 19.72
N VAL D 257 -22.05 16.36 18.77
CA VAL D 257 -23.28 15.56 18.99
C VAL D 257 -23.15 14.87 20.35
N GLY D 258 -21.99 14.29 20.66
CA GLY D 258 -21.80 13.59 21.94
C GLY D 258 -20.59 14.10 22.68
N ALA D 259 -20.24 13.48 23.81
CA ALA D 259 -19.02 13.87 24.55
C ALA D 259 -17.79 13.20 23.91
N GLN D 260 -17.06 13.94 23.09
CA GLN D 260 -15.89 13.36 22.36
C GLN D 260 -14.62 14.05 22.81
N ARG D 261 -14.58 14.56 24.05
CA ARG D 261 -13.38 15.21 24.57
C ARG D 261 -13.01 16.43 23.73
N ARG D 262 -13.97 17.35 23.59
CA ARG D 262 -13.73 18.62 22.92
C ARG D 262 -13.53 19.77 23.91
N ARG D 263 -13.52 19.49 25.20
CA ARG D 263 -13.13 20.45 26.22
C ARG D 263 -11.67 20.28 26.64
N ARG D 264 -11.19 19.04 26.69
CA ARG D 264 -9.78 18.79 26.93
C ARG D 264 -8.93 19.40 25.84
N ALA D 265 -9.41 19.34 24.58
CA ALA D 265 -8.66 19.95 23.47
C ALA D 265 -8.60 21.46 23.60
N VAL D 266 -9.71 22.09 24.02
CA VAL D 266 -9.70 23.53 24.25
C VAL D 266 -8.73 23.89 25.37
N GLY D 267 -8.74 23.12 26.45
CA GLY D 267 -7.79 23.34 27.52
C GLY D 267 -6.35 23.19 27.06
N LEU D 268 -6.10 22.18 26.22
CA LEU D 268 -4.75 21.97 25.71
C LEU D 268 -4.30 23.11 24.80
N ALA D 269 -5.22 23.62 23.97
CA ALA D 269 -4.88 24.77 23.13
C ALA D 269 -4.56 25.99 23.98
N VAL D 270 -5.35 26.24 25.02
CA VAL D 270 -5.08 27.37 25.90
C VAL D 270 -3.73 27.18 26.60
N VAL D 271 -3.45 25.96 27.04
CA VAL D 271 -2.17 25.67 27.70
C VAL D 271 -1.02 25.89 26.74
N THR D 272 -1.16 25.47 25.48
CA THR D 272 -0.10 25.67 24.50
C THR D 272 0.13 27.15 24.22
N LEU D 273 -0.94 27.94 24.11
CA LEU D 273 -0.78 29.37 23.93
C LEU D 273 -0.09 30.01 25.13
N LEU D 274 -0.47 29.60 26.34
CA LEU D 274 0.18 30.12 27.53
C LEU D 274 1.66 29.71 27.57
N ASN D 275 1.96 28.49 27.16
CA ASN D 275 3.35 28.04 27.11
C ASN D 275 4.16 28.88 26.14
N PHE D 276 3.59 29.17 24.96
CA PHE D 276 4.26 30.04 24.01
C PHE D 276 4.54 31.42 24.63
N LEU D 277 3.49 32.04 25.19
CA LEU D 277 3.63 33.39 25.71
C LEU D 277 4.51 33.46 26.96
N VAL D 278 4.69 32.35 27.66
CA VAL D 278 5.52 32.33 28.86
C VAL D 278 6.97 31.99 28.53
N CYS D 279 7.19 31.11 27.56
CA CYS D 279 8.56 30.72 27.21
C CYS D 279 9.22 31.75 26.30
N PHE D 280 8.58 32.11 25.20
CA PHE D 280 9.19 33.03 24.26
C PHE D 280 8.81 34.48 24.50
N GLY D 281 8.04 34.76 25.55
CA GLY D 281 7.59 36.10 25.85
C GLY D 281 8.64 36.98 26.50
N PRO D 282 9.07 36.62 27.71
CA PRO D 282 10.04 37.47 28.43
C PRO D 282 11.36 37.65 27.69
N TYR D 283 11.84 36.63 26.98
CA TYR D 283 13.06 36.77 26.21
C TYR D 283 12.99 37.91 25.25
N ASN D 284 11.96 37.95 24.43
CA ASN D 284 11.81 39.01 23.45
C ASN D 284 11.35 40.33 24.05
N VAL D 285 10.71 40.29 25.22
CA VAL D 285 10.44 41.53 25.95
C VAL D 285 11.74 42.15 26.43
N SER D 286 12.72 41.31 26.78
CA SER D 286 14.02 41.82 27.20
C SER D 286 14.70 42.65 26.11
N HIS D 287 14.45 42.34 24.84
CA HIS D 287 15.01 43.14 23.77
C HIS D 287 14.50 44.57 23.82
N LEU D 288 13.18 44.74 23.95
CA LEU D 288 12.60 46.07 24.05
C LEU D 288 13.07 46.77 25.33
N VAL D 289 13.16 46.02 26.43
CA VAL D 289 13.59 46.62 27.70
C VAL D 289 15.02 47.13 27.57
N GLY D 290 15.90 46.34 26.98
CA GLY D 290 17.28 46.77 26.80
C GLY D 290 17.42 47.94 25.85
N TYR D 291 16.60 47.96 24.78
CA TYR D 291 16.63 49.11 23.88
C TYR D 291 16.17 50.38 24.58
N HIS D 292 15.11 50.28 25.40
CA HIS D 292 14.64 51.45 26.12
C HIS D 292 15.66 51.92 27.14
N GLN D 293 16.28 50.98 27.87
CA GLN D 293 17.28 51.34 28.87
C GLN D 293 18.64 51.65 28.26
N ARG D 294 18.81 51.41 26.95
CA ARG D 294 20.11 51.63 26.27
C ARG D 294 21.19 50.80 26.96
N LYS D 295 20.85 49.61 27.45
CA LYS D 295 21.80 48.73 28.11
C LYS D 295 21.22 47.32 28.14
N SER D 296 22.07 46.33 27.92
CA SER D 296 21.61 44.95 27.89
C SER D 296 21.03 44.55 29.24
N PRO D 297 19.83 44.00 29.29
CA PRO D 297 19.25 43.61 30.57
C PRO D 297 20.03 42.49 31.23
N TRP D 298 20.03 42.49 32.57
CA TRP D 298 20.74 41.49 33.34
C TRP D 298 19.97 40.17 33.46
N TRP D 299 18.69 40.15 33.11
CA TRP D 299 17.86 38.96 33.23
C TRP D 299 17.71 38.21 31.91
N ARG D 300 18.55 38.52 30.91
CA ARG D 300 18.55 37.73 29.69
C ARG D 300 18.95 36.29 29.95
N SER D 301 19.87 36.11 30.91
CA SER D 301 20.37 34.75 31.23
C SER D 301 19.23 33.92 31.80
N ILE D 302 18.31 34.54 32.54
CA ILE D 302 17.18 33.81 33.11
C ILE D 302 16.00 33.73 32.14
N ALA D 303 15.92 34.65 31.18
CA ALA D 303 14.86 34.56 30.18
C ALA D 303 15.16 33.46 29.17
N VAL D 304 16.43 33.29 28.80
CA VAL D 304 16.79 32.20 27.90
C VAL D 304 16.53 30.84 28.55
N VAL D 305 16.56 30.76 29.88
CA VAL D 305 16.20 29.53 30.57
C VAL D 305 14.74 29.17 30.28
N PHE D 306 13.85 30.16 30.41
CA PHE D 306 12.44 29.93 30.08
C PHE D 306 12.27 29.62 28.60
N SER D 307 13.05 30.27 27.75
CA SER D 307 12.97 29.99 26.31
C SER D 307 13.36 28.55 26.00
N SER D 308 14.41 28.04 26.66
CA SER D 308 14.83 26.66 26.48
C SER D 308 13.90 25.67 27.16
N LEU D 309 13.14 26.12 28.16
CA LEU D 309 12.16 25.24 28.81
C LEU D 309 11.12 24.75 27.81
N ASN D 310 10.82 25.55 26.79
CA ASN D 310 9.87 25.12 25.77
C ASN D 310 10.38 23.92 24.99
N ALA D 311 11.70 23.81 24.81
CA ALA D 311 12.26 22.67 24.09
C ALA D 311 11.97 21.36 24.81
N SER D 312 11.83 21.39 26.13
CA SER D 312 11.47 20.20 26.89
C SER D 312 9.97 20.07 27.07
N LEU D 313 9.24 21.18 27.12
CA LEU D 313 7.80 21.12 27.33
C LEU D 313 7.03 20.83 26.05
N ASP D 314 7.65 20.96 24.88
CA ASP D 314 6.95 20.70 23.63
C ASP D 314 6.49 19.25 23.48
N PRO D 315 7.33 18.23 23.70
CA PRO D 315 6.83 16.85 23.56
C PRO D 315 5.73 16.51 24.55
N LEU D 316 5.68 17.19 25.69
CA LEU D 316 4.60 16.95 26.65
C LEU D 316 3.26 17.35 26.08
N LEU D 317 3.21 18.48 25.36
CA LEU D 317 1.95 18.99 24.83
C LEU D 317 1.61 18.42 23.46
N PHE D 318 2.62 18.07 22.66
CA PHE D 318 2.38 17.64 21.29
C PHE D 318 2.43 16.14 21.08
N TYR D 319 3.13 15.40 21.94
CA TYR D 319 3.22 13.95 21.82
C TYR D 319 2.68 13.22 23.03
N PHE D 320 3.07 13.62 24.23
CA PHE D 320 2.67 12.92 25.45
C PHE D 320 1.33 13.40 26.00
N SER D 321 0.74 14.39 25.34
CA SER D 321 -0.63 14.76 25.75
C SER D 321 -1.48 13.56 25.37
N SER D 322 -0.93 12.68 24.53
CA SER D 322 -1.65 11.44 24.13
C SER D 322 -0.84 10.71 23.05
N ALA E 7 -38.96 -31.30 -1.24
CA ALA E 7 -37.83 -30.37 -1.43
C ALA E 7 -36.81 -30.56 -0.30
N SER E 8 -37.23 -30.32 0.93
CA SER E 8 -36.33 -30.52 2.10
C SER E 8 -35.83 -31.97 2.12
N ILE E 9 -36.67 -32.90 1.66
CA ILE E 9 -36.26 -34.33 1.58
C ILE E 9 -35.03 -34.45 0.67
N ALA E 10 -35.09 -33.87 -0.53
CA ALA E 10 -33.94 -33.90 -1.47
C ALA E 10 -32.78 -33.09 -0.89
N GLN E 11 -33.09 -31.98 -0.21
CA GLN E 11 -32.04 -31.12 0.39
C GLN E 11 -31.29 -31.89 1.48
N ALA E 12 -32.01 -32.68 2.28
CA ALA E 12 -31.36 -33.50 3.34
C ALA E 12 -30.76 -34.76 2.71
N ARG E 13 -31.49 -35.38 1.78
CA ARG E 13 -30.97 -36.57 1.09
C ARG E 13 -29.58 -36.30 0.51
N LYS E 14 -29.37 -35.12 -0.06
CA LYS E 14 -28.05 -34.77 -0.59
C LYS E 14 -27.01 -34.73 0.53
N LEU E 15 -27.37 -34.14 1.67
CA LEU E 15 -26.44 -34.09 2.79
C LEU E 15 -26.13 -35.50 3.31
N VAL E 16 -27.14 -36.37 3.37
CA VAL E 16 -26.93 -37.73 3.82
C VAL E 16 -26.00 -38.47 2.85
N GLU E 17 -26.21 -38.29 1.55
CA GLU E 17 -25.34 -38.93 0.56
C GLU E 17 -23.91 -38.42 0.67
N GLN E 18 -23.73 -37.11 0.87
CA GLN E 18 -22.39 -36.55 1.02
C GLN E 18 -21.70 -37.09 2.28
N LEU E 19 -22.45 -37.19 3.38
CA LEU E 19 -21.88 -37.74 4.61
C LEU E 19 -21.50 -39.21 4.43
N LYS E 20 -22.34 -39.97 3.73
CA LYS E 20 -22.00 -41.36 3.45
C LYS E 20 -20.75 -41.47 2.59
N MET E 21 -20.62 -40.59 1.59
CA MET E 21 -19.43 -40.61 0.74
C MET E 21 -18.17 -40.26 1.54
N GLU E 22 -18.27 -39.26 2.42
CA GLU E 22 -17.11 -38.87 3.22
C GLU E 22 -16.75 -39.95 4.23
N ALA E 23 -17.75 -40.63 4.80
CA ALA E 23 -17.49 -41.64 5.82
C ALA E 23 -16.75 -42.84 5.23
N ASN E 24 -17.16 -43.29 4.04
CA ASN E 24 -16.56 -44.46 3.41
C ASN E 24 -15.31 -44.05 2.63
N ILE E 25 -14.26 -43.72 3.38
CA ILE E 25 -12.98 -43.33 2.81
C ILE E 25 -11.87 -44.05 3.58
N ASP E 26 -10.71 -44.15 2.93
CA ASP E 26 -9.56 -44.81 3.54
C ASP E 26 -8.84 -43.83 4.45
N ARG E 27 -8.69 -44.20 5.72
CA ARG E 27 -8.06 -43.35 6.73
C ARG E 27 -6.88 -44.13 7.33
N ILE E 28 -5.67 -43.66 7.07
CA ILE E 28 -4.48 -44.26 7.65
C ILE E 28 -4.35 -43.80 9.10
N LYS E 29 -3.48 -44.45 9.86
CA LYS E 29 -3.29 -44.08 11.25
C LYS E 29 -2.66 -42.70 11.37
N VAL E 30 -2.97 -42.02 12.47
CA VAL E 30 -2.42 -40.69 12.71
C VAL E 30 -0.92 -40.76 12.90
N SER E 31 -0.42 -41.83 13.51
CA SER E 31 1.01 -41.98 13.71
C SER E 31 1.76 -42.03 12.39
N LYS E 32 1.22 -42.77 11.41
CA LYS E 32 1.88 -42.86 10.11
C LYS E 32 1.91 -41.51 9.41
N ALA E 33 0.80 -40.75 9.47
CA ALA E 33 0.77 -39.43 8.86
C ALA E 33 1.74 -38.48 9.54
N ALA E 34 1.82 -38.53 10.87
CA ALA E 34 2.77 -37.71 11.59
C ALA E 34 4.20 -38.06 11.22
N ALA E 35 4.50 -39.36 11.10
CA ALA E 35 5.84 -39.78 10.71
C ALA E 35 6.17 -39.31 9.30
N ASP E 36 5.20 -39.39 8.39
CA ASP E 36 5.43 -38.92 7.03
C ASP E 36 5.70 -37.41 6.99
N LEU E 37 4.93 -36.64 7.75
CA LEU E 37 5.17 -35.20 7.81
C LEU E 37 6.53 -34.88 8.41
N MET E 38 6.90 -35.59 9.47
CA MET E 38 8.22 -35.38 10.08
C MET E 38 9.34 -35.73 9.10
N ALA E 39 9.17 -36.82 8.36
CA ALA E 39 10.19 -37.23 7.38
C ALA E 39 10.31 -36.18 6.28
N TYR E 40 9.19 -35.65 5.80
CA TYR E 40 9.26 -34.61 4.78
C TYR E 40 9.93 -33.36 5.32
N CYS E 41 9.62 -32.97 6.55
CA CYS E 41 10.21 -31.77 7.14
C CYS E 41 11.72 -31.94 7.33
N GLU E 42 12.16 -33.14 7.72
CA GLU E 42 13.59 -33.39 8.03
C GLU E 42 14.37 -33.68 6.76
N ALA E 43 13.68 -34.06 5.68
CA ALA E 43 14.36 -34.42 4.45
C ALA E 43 14.62 -33.23 3.53
N HIS E 44 13.90 -32.13 3.72
CA HIS E 44 14.08 -30.91 2.93
C HIS E 44 14.59 -29.75 3.78
N ALA E 45 15.15 -30.04 4.96
CA ALA E 45 15.61 -28.97 5.85
C ALA E 45 16.74 -28.17 5.23
N LYS E 46 17.68 -28.85 4.56
CA LYS E 46 18.82 -28.16 3.97
C LYS E 46 18.43 -27.29 2.78
N GLU E 47 17.26 -27.54 2.18
CA GLU E 47 16.78 -26.76 1.05
C GLU E 47 15.85 -25.63 1.46
N ASP E 48 15.72 -25.37 2.77
CA ASP E 48 14.81 -24.33 3.25
C ASP E 48 15.62 -23.10 3.62
N PRO E 49 15.50 -22.00 2.86
CA PRO E 49 16.27 -20.80 3.17
C PRO E 49 15.74 -19.98 4.34
N LEU E 50 14.64 -20.39 4.96
CA LEU E 50 14.10 -19.71 6.14
C LEU E 50 14.44 -20.45 7.43
N LEU E 51 14.23 -21.77 7.45
CA LEU E 51 14.64 -22.56 8.60
C LEU E 51 16.16 -22.54 8.77
N THR E 52 16.89 -22.67 7.67
CA THR E 52 18.35 -22.56 7.68
C THR E 52 18.74 -21.40 6.77
N PRO E 53 19.03 -20.23 7.32
CA PRO E 53 19.33 -19.07 6.47
C PRO E 53 20.54 -19.31 5.59
N VAL E 54 20.45 -18.81 4.36
CA VAL E 54 21.53 -18.93 3.37
C VAL E 54 22.55 -17.82 3.64
N PRO E 55 23.80 -17.99 3.22
CA PRO E 55 24.78 -16.92 3.40
C PRO E 55 24.41 -15.69 2.59
N ALA E 56 24.86 -14.52 3.06
CA ALA E 56 24.54 -13.26 2.40
C ALA E 56 25.04 -13.21 0.97
N SER E 57 26.07 -13.99 0.63
CA SER E 57 26.54 -14.04 -0.75
C SER E 57 25.47 -14.60 -1.68
N GLU E 58 24.77 -15.65 -1.24
CA GLU E 58 23.71 -16.26 -2.04
C GLU E 58 22.34 -15.65 -1.80
N ASN E 59 22.23 -14.72 -0.85
CA ASN E 59 20.95 -14.06 -0.60
C ASN E 59 20.66 -13.04 -1.70
N PRO E 60 19.55 -13.14 -2.40
CA PRO E 60 19.24 -12.13 -3.43
C PRO E 60 18.65 -10.85 -2.87
N PHE E 61 18.18 -10.86 -1.63
CA PHE E 61 17.61 -9.69 -0.98
C PHE E 61 18.60 -9.03 -0.02
N ARG E 62 19.90 -9.24 -0.21
CA ARG E 62 20.91 -8.67 0.67
C ARG E 62 20.90 -7.15 0.62
#